data_8SB8
#
_entry.id   8SB8
#
_cell.length_a   1.00
_cell.length_b   1.00
_cell.length_c   1.00
_cell.angle_alpha   90.00
_cell.angle_beta   90.00
_cell.angle_gamma   90.00
#
_symmetry.space_group_name_H-M   'P 1'
#
loop_
_entity.id
_entity.type
_entity.pdbx_description
1 polymer 'ATP-dependent translocase ABCB1'
2 non-polymer 'MAGNESIUM ION'
3 non-polymer 'ADP ORTHOVANADATE'
#
_entity_poly.entity_id   1
_entity_poly.type   'polypeptide(L)'
_entity_poly.pdbx_seq_one_letter_code
;MDLEGDRNGGAKKKNFFKLNNKSEKDKKEKKPTVSVFSMFRYSNWLDKLYMVVGTLAAIIHGAGLPLMMLVFGEMTDIFA
NAGNLEDLMSNITNRSDINDTGFFMNLEEDMTRYAYYYSGIGAGVLVAAYIQVSFWCLAAGRQIHKIRKQFFHAIMRQEI
GWFDVHDVGELNTRLTDDVSKINEGIGDKIGMFFQSMATFFTGFIVGFTRGWKLTLVILAISPVLGLSAAVWAKILSSFT
DKELLAYAKAGAVAEEVLAAIRTVIAFGGQKKELERYNKNLEEAKRIGIKKAITANISIGAAFLLIYASYALAFWYGTTL
VLSGEYSIGQVLTVFFSVLIGAFSVGQASPSIEAFANARGAAYEIFKIIDNKPSIDSYSKSGHKPDNIKGNLEFRNVHFS
YPSRKEVKILKGLNLKVQSGQTVALVGNSGCGKSTTVQLMQRLYDPTEGMVSVDGQDIRTINVRFLREIIGVVSQEPVLF
ATTIAENIRYGRENVTMDEIEKAVKEANAYDFIMKLPHKFDTLVGERGAQLSGGQKQRIAIARALVRNPKILLLDEATSA
LDTESEAVVQVALDKARKGRTTIVIAHRLSTVRNADVIAGFDDGVIVEKGNHDELMKEKGIYFKLVTMQTAGNEVELENA
ADESKSEIDALEMSSNDSRSSLIRKRSTRRSVRGSQAQDRKLSTKEALDESIPPVSFWRIMKLNLTEWPYFVVGVFCAII
NGGLQPAFAIIFSKIIGVFTRIDDPETKRQNSNLFSLLFLALGIISFITFFLQGFTFGKAGEILTKRLRYMVFRSMLRQD
VSWFDDPKNTTGALTTRLANDAAQVKGAIGSRLAVITQNIANLGTGIIISFIYGWQLTLLLLAIVPIIAIAGVVEMKMLS
GQALKDKKELEGSGKIATEAIENFRTVVSLTQEQKFEHMYAQSLQVPYRNSLRKAHIFGITFSFTQAMMYFSYAGCFRFG
AYLVAHKLMSFEDVLLVFSAVVFGAMAVGQVSSFAPDYAKAKISAAHIIMIIEKTPLIDSYSTEGLMPNTLEGNVTFGEV
VFNYPTRPDIPVLQGLSLEVKKGQTLALVGSSGCGKSTVVQLLERFYDPLAGKVLLDGKEIKRLNVQWLRAHLGIVSQEP
ILFDCSIAENIAYGDNSRVVSQEEIVRAAKEANIHAFIESLPNKYSTKVGDKGTQLSGGQKQRIAIARALVRQPHILLLD
EATSALDTESEKVVQEALDKAREGRTCIVIAHRLSTIQNADLIVVFQNGRVKEHGTHQQLLAQKGIYFSMVSVQAGTKRQ
;
_entity_poly.pdbx_strand_id   A
#
# COMPACT_ATOMS: atom_id res chain seq x y z
N SER A 35 23.00 2.76 10.38
CA SER A 35 22.53 1.72 9.47
C SER A 35 22.71 2.14 8.01
N VAL A 36 23.69 3.02 7.77
CA VAL A 36 23.95 3.47 6.41
C VAL A 36 24.55 2.33 5.60
N PHE A 37 24.48 2.49 4.28
CA PHE A 37 24.99 1.53 3.29
C PHE A 37 24.20 0.22 3.27
N SER A 38 23.20 0.06 4.13
CA SER A 38 22.42 -1.17 4.11
C SER A 38 21.69 -1.33 2.79
N MET A 39 21.34 -0.21 2.15
CA MET A 39 20.62 -0.27 0.87
C MET A 39 21.39 -1.06 -0.18
N PHE A 40 22.71 -1.13 -0.06
CA PHE A 40 23.54 -1.88 -0.98
C PHE A 40 23.78 -3.31 -0.50
N ARG A 41 23.13 -3.73 0.58
CA ARG A 41 23.34 -5.08 1.09
C ARG A 41 23.05 -6.13 0.03
N TYR A 42 22.19 -5.80 -0.94
CA TYR A 42 21.79 -6.71 -2.00
C TYR A 42 22.38 -6.32 -3.34
N SER A 43 23.63 -5.85 -3.33
CA SER A 43 24.34 -5.47 -4.55
C SER A 43 25.15 -6.67 -5.02
N ASN A 44 24.79 -7.22 -6.18
CA ASN A 44 25.48 -8.35 -6.74
C ASN A 44 26.77 -7.89 -7.43
N TRP A 45 27.73 -8.82 -7.55
CA TRP A 45 29.01 -8.47 -8.13
C TRP A 45 28.82 -7.78 -9.48
N LEU A 46 27.90 -8.29 -10.30
CA LEU A 46 27.54 -7.55 -11.50
C LEU A 46 26.94 -6.20 -11.16
N ASP A 47 26.15 -6.14 -10.08
CA ASP A 47 25.63 -4.86 -9.63
C ASP A 47 26.78 -3.93 -9.23
N LYS A 48 27.77 -4.46 -8.52
CA LYS A 48 28.89 -3.63 -8.11
C LYS A 48 29.65 -3.10 -9.33
N LEU A 49 29.85 -3.95 -10.33
CA LEU A 49 30.50 -3.49 -11.56
C LEU A 49 29.67 -2.40 -12.24
N TYR A 50 28.36 -2.61 -12.33
CA TYR A 50 27.47 -1.58 -12.87
C TYR A 50 27.71 -0.25 -12.15
N MET A 51 27.70 -0.29 -10.82
CA MET A 51 27.77 0.95 -10.05
C MET A 51 29.11 1.64 -10.24
N VAL A 52 30.21 0.88 -10.14
CA VAL A 52 31.53 1.50 -10.25
C VAL A 52 31.76 2.04 -11.65
N VAL A 53 31.33 1.31 -12.67
CA VAL A 53 31.45 1.81 -14.03
C VAL A 53 30.64 3.08 -14.19
N GLY A 54 29.43 3.11 -13.62
CA GLY A 54 28.65 4.33 -13.67
C GLY A 54 29.33 5.49 -12.99
N THR A 55 29.99 5.23 -11.87
CA THR A 55 30.70 6.28 -11.16
C THR A 55 31.83 6.84 -12.01
N LEU A 56 32.61 5.96 -12.63
CA LEU A 56 33.68 6.43 -13.51
C LEU A 56 33.11 7.23 -14.67
N ALA A 57 32.04 6.74 -15.29
CA ALA A 57 31.45 7.44 -16.41
C ALA A 57 30.92 8.80 -16.00
N ALA A 58 30.30 8.89 -14.83
CA ALA A 58 29.81 10.17 -14.35
C ALA A 58 30.95 11.14 -14.11
N ILE A 59 32.05 10.65 -13.52
CA ILE A 59 33.21 11.51 -13.31
C ILE A 59 33.70 12.06 -14.64
N ILE A 60 33.86 11.18 -15.63
CA ILE A 60 34.36 11.63 -16.94
C ILE A 60 33.39 12.66 -17.54
N HIS A 61 32.10 12.37 -17.51
CA HIS A 61 31.12 13.28 -18.11
C HIS A 61 31.16 14.63 -17.43
N GLY A 62 31.24 14.66 -16.11
CA GLY A 62 31.27 15.92 -15.40
C GLY A 62 32.53 16.71 -15.66
N ALA A 63 33.67 16.04 -15.73
CA ALA A 63 34.94 16.74 -15.92
C ALA A 63 34.98 17.52 -17.22
N GLY A 64 34.18 17.13 -18.22
CA GLY A 64 34.26 17.75 -19.53
C GLY A 64 33.80 19.19 -19.53
N LEU A 65 32.70 19.48 -18.85
CA LEU A 65 32.12 20.83 -18.94
C LEU A 65 33.11 21.91 -18.50
N PRO A 66 33.72 21.84 -17.32
CA PRO A 66 34.66 22.90 -16.94
C PRO A 66 35.84 23.03 -17.87
N LEU A 67 36.22 21.96 -18.58
CA LEU A 67 37.28 22.07 -19.56
C LEU A 67 36.94 23.10 -20.63
N MET A 68 35.65 23.22 -20.97
CA MET A 68 35.25 24.27 -21.89
C MET A 68 35.70 25.63 -21.37
N MET A 69 35.52 25.88 -20.08
CA MET A 69 36.02 27.11 -19.48
C MET A 69 37.54 27.21 -19.62
N LEU A 70 38.24 26.09 -19.42
CA LEU A 70 39.68 26.09 -19.65
C LEU A 70 40.00 26.54 -21.07
N VAL A 71 39.12 26.25 -22.02
CA VAL A 71 39.33 26.71 -23.39
C VAL A 71 39.47 28.22 -23.42
N PHE A 72 38.57 28.92 -22.72
CA PHE A 72 38.66 30.37 -22.65
C PHE A 72 40.04 30.80 -22.15
N GLY A 73 40.60 30.04 -21.22
CA GLY A 73 41.95 30.36 -20.75
C GLY A 73 42.96 30.38 -21.89
N GLU A 74 42.90 29.39 -22.77
CA GLU A 74 43.73 29.42 -23.97
C GLU A 74 43.32 30.59 -24.87
N MET A 75 42.02 30.84 -24.98
CA MET A 75 41.55 31.93 -25.83
C MET A 75 41.98 33.29 -25.27
N THR A 76 41.95 33.46 -23.96
CA THR A 76 42.33 34.72 -23.34
C THR A 76 43.85 34.90 -23.37
N ASN A 106 44.98 34.72 -37.60
CA ASN A 106 45.57 33.67 -36.78
C ASN A 106 44.62 33.27 -35.65
N LEU A 107 43.97 34.28 -35.06
CA LEU A 107 43.02 34.00 -33.99
C LEU A 107 41.93 33.05 -34.47
N GLU A 108 41.51 33.18 -35.73
CA GLU A 108 40.56 32.24 -36.28
C GLU A 108 41.09 30.82 -36.25
N GLU A 109 42.41 30.66 -36.40
CA GLU A 109 43.01 29.32 -36.31
C GLU A 109 42.77 28.71 -34.94
N ASP A 110 43.04 29.48 -33.88
CA ASP A 110 42.80 28.96 -32.53
C ASP A 110 41.33 28.77 -32.25
N MET A 111 40.47 29.64 -32.79
CA MET A 111 39.03 29.45 -32.63
C MET A 111 38.59 28.13 -33.25
N THR A 112 39.06 27.84 -34.46
CA THR A 112 38.72 26.58 -35.10
C THR A 112 39.31 25.41 -34.33
N ARG A 113 40.52 25.57 -33.78
CA ARG A 113 41.13 24.51 -32.99
C ARG A 113 40.25 24.18 -31.78
N TYR A 114 39.81 25.22 -31.06
CA TYR A 114 38.97 24.99 -29.90
C TYR A 114 37.64 24.38 -30.30
N ALA A 115 37.08 24.83 -31.43
CA ALA A 115 35.81 24.26 -31.89
C ALA A 115 35.97 22.78 -32.20
N TYR A 116 37.06 22.40 -32.85
CA TYR A 116 37.30 20.98 -33.13
C TYR A 116 37.48 20.19 -31.85
N TYR A 117 38.19 20.76 -30.88
CA TYR A 117 38.32 20.08 -29.59
C TYR A 117 36.97 19.86 -28.94
N TYR A 118 36.10 20.88 -28.98
CA TYR A 118 34.77 20.74 -28.42
C TYR A 118 33.97 19.67 -29.16
N SER A 119 34.06 19.67 -30.49
CA SER A 119 33.34 18.66 -31.26
C SER A 119 33.80 17.26 -30.88
N GLY A 120 35.11 17.07 -30.73
CA GLY A 120 35.60 15.77 -30.29
C GLY A 120 35.12 15.41 -28.91
N ILE A 121 35.13 16.37 -27.98
CA ILE A 121 34.64 16.12 -26.62
C ILE A 121 33.15 15.82 -26.63
N GLY A 122 32.44 16.23 -27.67
CA GLY A 122 31.02 15.96 -27.73
C GLY A 122 30.72 14.47 -27.68
N ALA A 123 31.44 13.69 -28.48
CA ALA A 123 31.20 12.24 -28.49
C ALA A 123 31.61 11.61 -27.17
N GLY A 124 32.70 12.08 -26.57
CA GLY A 124 33.08 11.58 -25.26
C GLY A 124 32.01 11.83 -24.23
N VAL A 125 31.42 13.02 -24.24
CA VAL A 125 30.34 13.33 -23.30
C VAL A 125 29.15 12.43 -23.60
N LEU A 126 28.84 12.23 -24.88
CA LEU A 126 27.77 11.31 -25.24
C LEU A 126 27.96 9.95 -24.58
N VAL A 127 29.13 9.37 -24.78
CA VAL A 127 29.39 8.02 -24.29
C VAL A 127 29.35 8.00 -22.77
N ALA A 128 30.01 8.98 -22.13
CA ALA A 128 30.06 8.99 -20.67
C ALA A 128 28.67 9.13 -20.08
N ALA A 129 27.84 10.01 -20.64
CA ALA A 129 26.48 10.19 -20.14
C ALA A 129 25.69 8.90 -20.28
N TYR A 130 25.73 8.29 -21.47
CA TYR A 130 24.96 7.07 -21.64
C TYR A 130 25.40 6.00 -20.67
N ILE A 131 26.71 5.81 -20.53
CA ILE A 131 27.22 4.74 -19.67
C ILE A 131 26.79 4.99 -18.23
N GLN A 132 27.07 6.19 -17.74
CA GLN A 132 26.74 6.60 -16.35
C GLN A 132 25.26 6.35 -16.07
N VAL A 133 24.36 6.90 -16.89
CA VAL A 133 22.93 6.82 -16.65
C VAL A 133 22.45 5.38 -16.74
N SER A 134 22.85 4.66 -17.79
CA SER A 134 22.38 3.30 -17.96
C SER A 134 22.85 2.40 -16.84
N PHE A 135 24.12 2.52 -16.45
CA PHE A 135 24.64 1.66 -15.39
C PHE A 135 23.91 1.93 -14.08
N TRP A 136 23.72 3.20 -13.74
CA TRP A 136 23.05 3.51 -12.49
C TRP A 136 21.60 3.05 -12.50
N CYS A 137 20.88 3.25 -13.60
CA CYS A 137 19.49 2.82 -13.65
C CYS A 137 19.39 1.31 -13.61
N LEU A 138 20.32 0.60 -14.25
CA LEU A 138 20.30 -0.86 -14.19
C LEU A 138 20.54 -1.34 -12.77
N ALA A 139 21.53 -0.76 -12.08
CA ALA A 139 21.76 -1.13 -10.70
C ALA A 139 20.53 -0.82 -9.85
N ALA A 140 19.89 0.31 -10.10
CA ALA A 140 18.71 0.68 -9.33
C ALA A 140 17.56 -0.30 -9.55
N GLY A 141 17.36 -0.74 -10.79
CA GLY A 141 16.33 -1.74 -11.04
C GLY A 141 16.63 -3.06 -10.37
N ARG A 142 17.89 -3.50 -10.44
CA ARG A 142 18.27 -4.73 -9.76
C ARG A 142 18.02 -4.62 -8.26
N GLN A 143 18.42 -3.50 -7.66
CA GLN A 143 18.18 -3.30 -6.24
C GLN A 143 16.68 -3.25 -5.94
N ILE A 144 15.90 -2.62 -6.83
CA ILE A 144 14.42 -2.52 -6.67
C ILE A 144 13.86 -3.92 -6.56
N HIS A 145 14.20 -4.82 -7.48
CA HIS A 145 13.62 -6.15 -7.50
C HIS A 145 14.12 -6.97 -6.32
N LYS A 146 15.42 -6.93 -6.05
CA LYS A 146 15.97 -7.74 -4.98
C LYS A 146 15.42 -7.31 -3.64
N ILE A 147 15.28 -6.00 -3.42
CA ILE A 147 14.77 -5.50 -2.15
C ILE A 147 13.31 -5.89 -1.97
N ARG A 148 12.50 -5.74 -3.01
CA ARG A 148 11.11 -6.14 -2.90
C ARG A 148 11.01 -7.61 -2.54
N LYS A 149 11.75 -8.46 -3.24
CA LYS A 149 11.67 -9.89 -3.01
C LYS A 149 12.11 -10.24 -1.59
N GLN A 150 13.25 -9.70 -1.16
CA GLN A 150 13.76 -10.05 0.16
C GLN A 150 12.89 -9.48 1.27
N PHE A 151 12.34 -8.29 1.07
CA PHE A 151 11.47 -7.70 2.08
C PHE A 151 10.19 -8.50 2.24
N PHE A 152 9.58 -8.91 1.12
CA PHE A 152 8.41 -9.77 1.24
C PHE A 152 8.78 -11.11 1.87
N HIS A 153 9.97 -11.63 1.56
CA HIS A 153 10.44 -12.83 2.22
C HIS A 153 10.47 -12.64 3.72
N ALA A 154 11.06 -11.53 4.17
CA ALA A 154 11.15 -11.28 5.60
C ALA A 154 9.76 -11.18 6.23
N ILE A 155 8.83 -10.49 5.56
CA ILE A 155 7.49 -10.36 6.10
C ILE A 155 6.84 -11.74 6.24
N MET A 156 6.98 -12.58 5.22
CA MET A 156 6.39 -13.91 5.30
C MET A 156 7.11 -14.80 6.29
N ARG A 157 8.35 -14.47 6.65
CA ARG A 157 9.08 -15.29 7.61
C ARG A 157 8.57 -15.09 9.02
N GLN A 158 8.08 -13.89 9.34
CA GLN A 158 7.73 -13.56 10.71
C GLN A 158 6.70 -14.53 11.28
N GLU A 159 6.90 -14.92 12.53
CA GLU A 159 5.97 -15.79 13.21
C GLU A 159 4.68 -15.05 13.53
N ILE A 160 3.67 -15.81 13.94
CA ILE A 160 2.36 -15.20 14.19
C ILE A 160 2.44 -14.22 15.35
N GLY A 161 3.34 -14.44 16.31
CA GLY A 161 3.43 -13.53 17.44
C GLY A 161 3.78 -12.12 17.02
N TRP A 162 4.83 -11.98 16.21
CA TRP A 162 5.18 -10.67 15.70
C TRP A 162 4.06 -10.12 14.82
N PHE A 163 3.30 -11.01 14.19
CA PHE A 163 2.18 -10.57 13.38
C PHE A 163 1.06 -10.03 14.25
N ASP A 164 0.98 -10.46 15.50
CA ASP A 164 -0.06 -9.99 16.41
C ASP A 164 0.36 -8.69 17.10
N VAL A 165 1.60 -8.65 17.59
CA VAL A 165 1.99 -7.53 18.45
C VAL A 165 2.01 -6.22 17.67
N HIS A 166 2.43 -6.27 16.41
CA HIS A 166 2.57 -5.06 15.60
C HIS A 166 1.42 -4.91 14.62
N ASP A 167 1.12 -3.66 14.28
CA ASP A 167 0.15 -3.41 13.22
C ASP A 167 0.67 -3.99 11.91
N VAL A 168 -0.24 -4.52 11.10
CA VAL A 168 0.13 -5.25 9.89
C VAL A 168 -0.30 -4.50 8.64
N GLY A 169 -1.46 -3.86 8.66
CA GLY A 169 -1.96 -3.18 7.49
C GLY A 169 -0.95 -2.20 6.93
N GLU A 170 -0.04 -1.75 7.78
CA GLU A 170 1.01 -0.84 7.31
C GLU A 170 1.85 -1.49 6.23
N LEU A 171 2.24 -2.76 6.44
CA LEU A 171 3.26 -3.36 5.60
C LEU A 171 2.92 -3.25 4.12
N ASN A 172 1.64 -3.35 3.78
CA ASN A 172 1.26 -3.28 2.37
C ASN A 172 1.77 -1.99 1.74
N THR A 173 1.23 -0.85 2.18
CA THR A 173 1.64 0.41 1.59
C THR A 173 3.10 0.70 1.87
N ARG A 174 3.63 0.17 2.97
CA ARG A 174 5.04 0.33 3.25
C ARG A 174 5.87 -0.20 2.08
N LEU A 175 5.57 -1.42 1.63
CA LEU A 175 6.29 -1.96 0.48
C LEU A 175 6.36 -0.94 -0.65
N THR A 176 5.20 -0.57 -1.19
CA THR A 176 5.18 0.21 -2.42
C THR A 176 5.76 1.60 -2.21
N ASP A 177 5.28 2.32 -1.19
CA ASP A 177 5.77 3.69 -0.98
C ASP A 177 7.25 3.70 -0.69
N ASP A 178 7.71 2.85 0.24
CA ASP A 178 9.11 2.86 0.61
C ASP A 178 10.00 2.48 -0.56
N VAL A 179 9.64 1.46 -1.33
CA VAL A 179 10.51 1.08 -2.44
C VAL A 179 10.53 2.18 -3.49
N SER A 180 9.37 2.73 -3.85
CA SER A 180 9.35 3.79 -4.85
C SER A 180 10.14 5.00 -4.38
N LYS A 181 10.15 5.26 -3.08
CA LYS A 181 10.82 6.43 -2.53
C LYS A 181 12.28 6.17 -2.19
N ILE A 182 12.72 4.92 -2.20
CA ILE A 182 14.09 4.58 -1.84
C ILE A 182 14.90 4.35 -3.11
N ASN A 183 14.44 3.43 -3.97
CA ASN A 183 15.26 3.08 -5.11
C ASN A 183 15.09 4.08 -6.25
N GLU A 184 13.88 4.56 -6.46
CA GLU A 184 13.65 5.62 -7.44
C GLU A 184 14.32 6.90 -7.00
N GLY A 185 14.90 6.91 -5.81
CA GLY A 185 15.67 8.04 -5.34
C GLY A 185 17.16 7.80 -5.40
N ILE A 186 17.58 6.56 -5.15
CA ILE A 186 19.01 6.25 -5.23
C ILE A 186 19.47 6.24 -6.69
N GLY A 187 18.73 5.54 -7.55
CA GLY A 187 19.28 5.07 -8.80
C GLY A 187 20.02 6.07 -9.67
N ASP A 188 19.30 7.00 -10.29
CA ASP A 188 19.94 7.95 -11.17
C ASP A 188 20.46 9.17 -10.41
N LYS A 189 19.85 9.46 -9.26
CA LYS A 189 20.24 10.65 -8.53
C LYS A 189 21.64 10.53 -7.95
N ILE A 190 22.05 9.32 -7.54
CA ILE A 190 23.41 9.16 -7.04
C ILE A 190 24.40 9.43 -8.16
N GLY A 191 24.10 8.94 -9.36
CA GLY A 191 24.97 9.22 -10.50
C GLY A 191 25.03 10.70 -10.82
N MET A 192 23.88 11.37 -10.76
CA MET A 192 23.86 12.81 -10.99
C MET A 192 24.71 13.53 -9.95
N PHE A 193 24.62 13.11 -8.69
CA PHE A 193 25.42 13.74 -7.64
C PHE A 193 26.90 13.52 -7.89
N PHE A 194 27.28 12.32 -8.30
CA PHE A 194 28.69 12.10 -8.62
C PHE A 194 29.13 12.97 -9.78
N GLN A 195 28.27 13.13 -10.78
CA GLN A 195 28.59 14.00 -11.91
C GLN A 195 28.83 15.43 -11.42
N SER A 196 27.93 15.93 -10.57
CA SER A 196 28.07 17.31 -10.10
C SER A 196 29.30 17.49 -9.22
N MET A 197 29.56 16.53 -8.33
CA MET A 197 30.75 16.62 -7.49
C MET A 197 32.01 16.57 -8.35
N ALA A 198 32.02 15.72 -9.38
CA ALA A 198 33.16 15.66 -10.28
C ALA A 198 33.32 16.98 -11.02
N THR A 199 32.23 17.60 -11.45
CA THR A 199 32.33 18.89 -12.12
C THR A 199 32.91 19.94 -11.18
N PHE A 200 32.45 19.99 -9.93
CA PHE A 200 32.99 20.96 -8.99
C PHE A 200 34.48 20.72 -8.76
N PHE A 201 34.86 19.46 -8.56
CA PHE A 201 36.27 19.14 -8.34
C PHE A 201 37.11 19.50 -9.54
N THR A 202 36.61 19.24 -10.75
CA THR A 202 37.38 19.55 -11.95
C THR A 202 37.51 21.05 -12.14
N GLY A 203 36.46 21.80 -11.81
CA GLY A 203 36.58 23.25 -11.85
C GLY A 203 37.65 23.73 -10.90
N PHE A 204 37.68 23.19 -9.68
CA PHE A 204 38.72 23.57 -8.74
C PHE A 204 40.10 23.19 -9.28
N ILE A 205 40.21 22.04 -9.93
CA ILE A 205 41.50 21.58 -10.43
C ILE A 205 42.00 22.51 -11.54
N VAL A 206 41.11 22.87 -12.48
CA VAL A 206 41.53 23.77 -13.54
C VAL A 206 41.89 25.13 -12.98
N GLY A 207 41.13 25.61 -11.98
CA GLY A 207 41.51 26.85 -11.32
C GLY A 207 42.88 26.78 -10.72
N PHE A 208 43.20 25.67 -10.03
CA PHE A 208 44.54 25.49 -9.48
C PHE A 208 45.59 25.49 -10.58
N THR A 209 45.25 24.89 -11.72
CA THR A 209 46.18 24.92 -12.86
C THR A 209 46.45 26.35 -13.30
N ARG A 210 45.41 27.17 -13.36
CA ARG A 210 45.53 28.55 -13.82
C ARG A 210 45.76 29.53 -12.67
N GLY A 211 45.89 29.06 -11.44
CA GLY A 211 46.11 29.95 -10.31
C GLY A 211 46.40 29.17 -9.05
N TRP A 212 46.77 29.89 -8.00
CA TRP A 212 47.13 29.25 -6.75
C TRP A 212 46.39 29.88 -5.57
N LYS A 213 46.10 31.18 -5.66
CA LYS A 213 45.48 31.88 -4.55
C LYS A 213 43.97 31.68 -4.54
N LEU A 214 43.30 32.09 -5.61
CA LEU A 214 41.84 32.03 -5.64
C LEU A 214 41.34 30.60 -5.50
N THR A 215 41.98 29.67 -6.20
CA THR A 215 41.57 28.27 -6.09
C THR A 215 41.76 27.76 -4.67
N LEU A 216 42.85 28.15 -4.02
CA LEU A 216 43.04 27.78 -2.62
C LEU A 216 41.93 28.33 -1.76
N VAL A 217 41.51 29.57 -2.01
CA VAL A 217 40.43 30.17 -1.24
C VAL A 217 39.14 29.35 -1.43
N ILE A 218 38.83 29.01 -2.68
CA ILE A 218 37.62 28.26 -2.95
C ILE A 218 37.65 26.92 -2.24
N LEU A 219 38.79 26.22 -2.32
CA LEU A 219 38.91 24.93 -1.66
C LEU A 219 38.75 25.09 -0.15
N ALA A 220 39.32 26.15 0.43
CA ALA A 220 39.23 26.34 1.86
C ALA A 220 37.80 26.66 2.31
N ILE A 221 37.01 27.30 1.45
CA ILE A 221 35.61 27.55 1.78
C ILE A 221 34.73 26.31 1.53
N SER A 222 35.18 25.38 0.68
CA SER A 222 34.34 24.22 0.35
C SER A 222 33.92 23.39 1.56
N PRO A 223 34.78 23.07 2.53
CA PRO A 223 34.37 22.10 3.56
C PRO A 223 33.21 22.58 4.40
N VAL A 224 33.00 23.89 4.54
CA VAL A 224 31.81 24.38 5.21
C VAL A 224 30.57 23.88 4.48
N LEU A 225 30.55 24.03 3.17
CA LEU A 225 29.43 23.54 2.37
C LEU A 225 29.30 22.02 2.52
N GLY A 226 30.42 21.30 2.51
CA GLY A 226 30.34 19.86 2.65
C GLY A 226 29.70 19.44 3.97
N LEU A 227 30.17 20.03 5.07
CA LEU A 227 29.62 19.68 6.38
C LEU A 227 28.16 20.06 6.48
N SER A 228 27.78 21.22 5.93
CA SER A 228 26.38 21.62 5.94
C SER A 228 25.54 20.61 5.18
N ALA A 229 26.00 20.17 4.01
CA ALA A 229 25.27 19.17 3.26
C ALA A 229 25.10 17.90 4.06
N ALA A 230 26.16 17.45 4.72
CA ALA A 230 26.07 16.22 5.51
C ALA A 230 25.02 16.34 6.61
N VAL A 231 25.10 17.43 7.38
CA VAL A 231 24.17 17.59 8.50
C VAL A 231 22.74 17.71 8.01
N TRP A 232 22.51 18.49 6.95
CA TRP A 232 21.16 18.64 6.44
C TRP A 232 20.62 17.33 5.87
N ALA A 233 21.49 16.52 5.25
CA ALA A 233 21.05 15.20 4.82
C ALA A 233 20.63 14.34 6.01
N LYS A 234 21.42 14.38 7.09
CA LYS A 234 21.07 13.60 8.26
C LYS A 234 19.69 14.00 8.78
N ILE A 235 19.47 15.30 8.95
CA ILE A 235 18.21 15.74 9.52
C ILE A 235 17.05 15.43 8.56
N LEU A 236 17.28 15.56 7.26
CA LEU A 236 16.23 15.25 6.30
C LEU A 236 15.84 13.78 6.38
N SER A 237 16.83 12.89 6.49
CA SER A 237 16.52 11.47 6.64
C SER A 237 15.76 11.21 7.92
N SER A 238 16.18 11.85 9.02
CA SER A 238 15.48 11.66 10.27
C SER A 238 14.00 12.04 10.13
N PHE A 239 13.73 13.17 9.49
CA PHE A 239 12.34 13.59 9.30
C PHE A 239 11.60 12.64 8.38
N THR A 240 12.27 12.18 7.32
CA THR A 240 11.62 11.26 6.38
C THR A 240 11.20 9.98 7.06
N ASP A 241 11.96 9.53 8.06
CA ASP A 241 11.55 8.34 8.79
C ASP A 241 10.13 8.49 9.34
N LYS A 242 9.88 9.59 10.06
CA LYS A 242 8.56 9.80 10.63
C LYS A 242 7.53 10.06 9.54
N GLU A 243 7.92 10.76 8.46
CA GLU A 243 6.97 11.01 7.38
C GLU A 243 6.47 9.69 6.80
N LEU A 244 7.39 8.77 6.55
CA LEU A 244 6.99 7.47 6.01
C LEU A 244 6.21 6.66 7.04
N LEU A 245 6.52 6.80 8.32
CA LEU A 245 5.70 6.12 9.33
C LEU A 245 4.27 6.63 9.28
N ALA A 246 4.08 7.94 9.12
CA ALA A 246 2.74 8.49 9.03
C ALA A 246 2.03 7.99 7.78
N TYR A 247 2.73 7.97 6.65
CA TYR A 247 2.13 7.42 5.43
C TYR A 247 1.72 5.98 5.64
N ALA A 248 2.57 5.19 6.31
CA ALA A 248 2.25 3.80 6.55
C ALA A 248 1.03 3.64 7.43
N LYS A 249 0.91 4.48 8.46
CA LYS A 249 -0.30 4.43 9.29
C LYS A 249 -1.53 4.76 8.46
N ALA A 250 -1.44 5.76 7.59
CA ALA A 250 -2.57 6.08 6.73
C ALA A 250 -2.93 4.90 5.85
N GLY A 251 -1.91 4.25 5.28
CA GLY A 251 -2.17 3.10 4.43
C GLY A 251 -2.80 1.96 5.19
N ALA A 252 -2.35 1.74 6.43
CA ALA A 252 -2.94 0.68 7.26
C ALA A 252 -4.41 0.97 7.51
N VAL A 253 -4.74 2.22 7.84
CA VAL A 253 -6.14 2.58 8.02
C VAL A 253 -6.92 2.31 6.75
N ALA A 254 -6.37 2.69 5.60
CA ALA A 254 -7.07 2.49 4.35
C ALA A 254 -7.32 1.01 4.09
N GLU A 255 -6.29 0.18 4.28
CA GLU A 255 -6.45 -1.25 4.05
C GLU A 255 -7.49 -1.84 4.99
N GLU A 256 -7.41 -1.50 6.27
CA GLU A 256 -8.35 -2.06 7.23
C GLU A 256 -9.78 -1.67 6.87
N VAL A 257 -9.99 -0.41 6.49
CA VAL A 257 -11.33 0.02 6.12
C VAL A 257 -11.80 -0.73 4.89
N LEU A 258 -10.96 -0.82 3.87
CA LEU A 258 -11.39 -1.42 2.61
C LEU A 258 -11.74 -2.89 2.80
N ALA A 259 -10.96 -3.62 3.58
CA ALA A 259 -11.25 -5.04 3.80
C ALA A 259 -12.65 -5.22 4.35
N ALA A 260 -13.06 -4.35 5.28
CA ALA A 260 -14.38 -4.41 5.88
C ALA A 260 -15.39 -3.52 5.19
N ILE A 261 -15.23 -3.31 3.88
CA ILE A 261 -16.06 -2.32 3.18
C ILE A 261 -17.54 -2.64 3.35
N ARG A 262 -17.90 -3.92 3.26
CA ARG A 262 -19.31 -4.27 3.38
C ARG A 262 -19.87 -3.79 4.72
N THR A 263 -19.17 -4.07 5.81
CA THR A 263 -19.65 -3.65 7.11
C THR A 263 -19.73 -2.13 7.20
N VAL A 264 -18.70 -1.43 6.71
CA VAL A 264 -18.67 0.02 6.81
C VAL A 264 -19.87 0.62 6.09
N ILE A 265 -20.09 0.21 4.85
CA ILE A 265 -21.23 0.75 4.11
C ILE A 265 -22.53 0.30 4.75
N ALA A 266 -22.54 -0.84 5.44
CA ALA A 266 -23.73 -1.26 6.15
C ALA A 266 -24.08 -0.31 7.28
N PHE A 267 -23.08 0.13 8.04
CA PHE A 267 -23.28 1.01 9.17
C PHE A 267 -23.01 2.46 8.84
N GLY A 268 -22.81 2.80 7.56
CA GLY A 268 -22.70 4.19 7.17
C GLY A 268 -21.61 4.94 7.88
N GLY A 269 -20.43 4.34 7.99
CA GLY A 269 -19.34 4.96 8.73
C GLY A 269 -18.30 5.62 7.83
N GLN A 270 -18.70 6.02 6.64
CA GLN A 270 -17.73 6.57 5.70
C GLN A 270 -17.03 7.81 6.29
N LYS A 271 -17.80 8.70 6.91
CA LYS A 271 -17.23 9.96 7.38
C LYS A 271 -16.18 9.70 8.45
N LYS A 272 -16.46 8.81 9.40
CA LYS A 272 -15.52 8.58 10.49
C LYS A 272 -14.23 7.97 9.98
N GLU A 273 -14.32 7.00 9.07
CA GLU A 273 -13.11 6.43 8.49
C GLU A 273 -12.34 7.49 7.71
N LEU A 274 -13.06 8.34 6.97
CA LEU A 274 -12.40 9.38 6.21
C LEU A 274 -11.62 10.31 7.13
N GLU A 275 -12.22 10.68 8.27
CA GLU A 275 -11.53 11.55 9.21
C GLU A 275 -10.33 10.86 9.84
N ARG A 276 -10.47 9.56 10.15
CA ARG A 276 -9.35 8.83 10.72
C ARG A 276 -8.19 8.79 9.73
N TYR A 277 -8.49 8.61 8.45
CA TYR A 277 -7.45 8.68 7.43
C TYR A 277 -6.84 10.06 7.37
N ASN A 278 -7.68 11.10 7.42
CA ASN A 278 -7.18 12.47 7.33
C ASN A 278 -6.22 12.80 8.47
N LYS A 279 -6.41 12.19 9.63
CA LYS A 279 -5.48 12.46 10.73
C LYS A 279 -4.05 12.09 10.32
N ASN A 280 -3.86 10.87 9.83
CA ASN A 280 -2.53 10.45 9.40
C ASN A 280 -2.06 11.27 8.21
N LEU A 281 -2.98 11.61 7.30
CA LEU A 281 -2.58 12.44 6.17
C LEU A 281 -2.05 13.79 6.64
N GLU A 282 -2.70 14.39 7.63
CA GLU A 282 -2.25 15.68 8.14
C GLU A 282 -0.89 15.56 8.80
N GLU A 283 -0.68 14.50 9.58
CA GLU A 283 0.65 14.32 10.17
C GLU A 283 1.71 14.20 9.09
N ALA A 284 1.42 13.46 8.02
CA ALA A 284 2.37 13.32 6.93
C ALA A 284 2.61 14.66 6.25
N LYS A 285 1.56 15.45 6.07
CA LYS A 285 1.72 16.77 5.46
C LYS A 285 2.66 17.62 6.28
N ARG A 286 2.47 17.65 7.59
CA ARG A 286 3.32 18.48 8.44
C ARG A 286 4.77 18.03 8.34
N ILE A 287 5.01 16.72 8.41
CA ILE A 287 6.39 16.25 8.35
C ILE A 287 7.01 16.58 7.00
N GLY A 288 6.22 16.45 5.92
CA GLY A 288 6.74 16.75 4.61
C GLY A 288 7.10 18.22 4.44
N ILE A 289 6.26 19.11 4.97
CA ILE A 289 6.58 20.53 4.91
C ILE A 289 7.86 20.81 5.70
N LYS A 290 8.01 20.17 6.85
CA LYS A 290 9.25 20.35 7.62
C LYS A 290 10.46 19.91 6.79
N LYS A 291 10.35 18.76 6.12
CA LYS A 291 11.46 18.29 5.30
C LYS A 291 11.76 19.27 4.16
N ALA A 292 10.71 19.80 3.54
CA ALA A 292 10.91 20.76 2.46
C ALA A 292 11.65 21.99 2.96
N ILE A 293 11.24 22.51 4.12
CA ILE A 293 11.93 23.67 4.67
C ILE A 293 13.40 23.34 4.90
N THR A 294 13.68 22.17 5.47
CA THR A 294 15.06 21.79 5.73
C THR A 294 15.88 21.78 4.45
N ALA A 295 15.36 21.12 3.41
CA ALA A 295 16.12 21.01 2.17
C ALA A 295 16.36 22.37 1.53
N ASN A 296 15.32 23.20 1.47
CA ASN A 296 15.47 24.52 0.85
C ASN A 296 16.43 25.38 1.63
N ILE A 297 16.37 25.35 2.96
CA ILE A 297 17.31 26.12 3.76
C ILE A 297 18.74 25.65 3.48
N SER A 298 18.95 24.34 3.43
CA SER A 298 20.29 23.83 3.19
C SER A 298 20.82 24.33 1.85
N ILE A 299 20.02 24.20 0.79
CA ILE A 299 20.53 24.59 -0.53
C ILE A 299 20.76 26.09 -0.60
N GLY A 300 19.84 26.88 -0.03
CA GLY A 300 20.03 28.31 -0.03
C GLY A 300 21.28 28.73 0.71
N ALA A 301 21.56 28.10 1.85
CA ALA A 301 22.78 28.42 2.58
C ALA A 301 24.01 28.04 1.76
N ALA A 302 23.96 26.89 1.09
CA ALA A 302 25.09 26.49 0.25
C ALA A 302 25.36 27.54 -0.81
N PHE A 303 24.32 28.00 -1.49
CA PHE A 303 24.52 28.98 -2.56
C PHE A 303 24.94 30.34 -2.02
N LEU A 304 24.43 30.72 -0.84
CA LEU A 304 24.89 31.97 -0.22
C LEU A 304 26.37 31.90 0.07
N LEU A 305 26.84 30.79 0.63
CA LEU A 305 28.27 30.63 0.86
C LEU A 305 29.04 30.69 -0.44
N ILE A 306 28.51 30.07 -1.49
CA ILE A 306 29.19 30.06 -2.78
C ILE A 306 29.36 31.48 -3.30
N TYR A 307 28.28 32.27 -3.26
CA TYR A 307 28.36 33.62 -3.78
C TYR A 307 29.22 34.52 -2.91
N ALA A 308 29.21 34.31 -1.59
CA ALA A 308 30.10 35.08 -0.73
C ALA A 308 31.55 34.77 -1.04
N SER A 309 31.88 33.49 -1.25
CA SER A 309 33.23 33.12 -1.64
C SER A 309 33.59 33.76 -2.97
N TYR A 310 32.66 33.76 -3.92
CA TYR A 310 32.92 34.36 -5.22
C TYR A 310 33.20 35.86 -5.09
N ALA A 311 32.43 36.55 -4.26
CA ALA A 311 32.63 37.98 -4.07
C ALA A 311 33.97 38.26 -3.40
N LEU A 312 34.34 37.47 -2.40
CA LEU A 312 35.64 37.64 -1.77
C LEU A 312 36.76 37.39 -2.78
N ALA A 313 36.58 36.38 -3.64
CA ALA A 313 37.57 36.13 -4.68
C ALA A 313 37.68 37.29 -5.64
N PHE A 314 36.55 37.91 -5.98
CA PHE A 314 36.59 39.08 -6.85
C PHE A 314 37.33 40.23 -6.20
N TRP A 315 37.09 40.45 -4.90
CA TRP A 315 37.84 41.48 -4.19
C TRP A 315 39.33 41.19 -4.20
N TYR A 316 39.70 39.93 -3.97
CA TYR A 316 41.11 39.58 -3.98
C TYR A 316 41.70 39.71 -5.38
N GLY A 317 40.90 39.47 -6.42
CA GLY A 317 41.37 39.71 -7.77
C GLY A 317 41.58 41.20 -8.05
N THR A 318 40.73 42.05 -7.49
CA THR A 318 40.96 43.49 -7.57
C THR A 318 42.26 43.86 -6.85
N THR A 319 42.53 43.22 -5.73
CA THR A 319 43.80 43.43 -5.05
C THR A 319 44.97 42.98 -5.91
N LEU A 320 44.82 41.86 -6.61
CA LEU A 320 45.93 41.30 -7.38
C LEU A 320 46.20 42.10 -8.65
N VAL A 321 45.15 42.63 -9.28
CA VAL A 321 45.34 43.30 -10.56
C VAL A 321 46.34 44.44 -10.41
N LEU A 322 46.25 45.19 -9.31
CA LEU A 322 47.30 46.17 -9.01
C LEU A 322 48.64 45.48 -8.84
N SER A 323 48.67 44.38 -8.10
CA SER A 323 49.90 43.61 -7.97
C SER A 323 50.30 42.99 -9.29
N GLY A 324 49.33 42.68 -10.15
CA GLY A 324 49.63 42.05 -11.42
C GLY A 324 50.08 40.61 -11.32
N GLU A 325 49.86 39.96 -10.17
CA GLU A 325 50.32 38.58 -10.01
C GLU A 325 49.69 37.67 -11.06
N TYR A 326 48.41 37.86 -11.34
CA TYR A 326 47.70 37.13 -12.38
C TYR A 326 47.10 38.12 -13.37
N SER A 327 47.05 37.73 -14.63
CA SER A 327 46.49 38.59 -15.66
C SER A 327 44.97 38.58 -15.59
N ILE A 328 44.35 39.48 -16.36
CA ILE A 328 42.90 39.55 -16.41
C ILE A 328 42.32 38.24 -16.93
N GLY A 329 42.93 37.69 -17.99
CA GLY A 329 42.44 36.44 -18.54
C GLY A 329 42.50 35.30 -17.54
N GLN A 330 43.58 35.21 -16.78
CA GLN A 330 43.72 34.13 -15.82
C GLN A 330 42.62 34.18 -14.77
N VAL A 331 42.40 35.35 -14.19
CA VAL A 331 41.38 35.47 -13.15
C VAL A 331 39.99 35.26 -13.74
N LEU A 332 39.76 35.72 -14.97
CA LEU A 332 38.48 35.50 -15.61
C LEU A 332 38.21 34.02 -15.80
N THR A 333 39.21 33.26 -16.26
CA THR A 333 39.04 31.83 -16.42
C THR A 333 38.80 31.15 -15.07
N VAL A 334 39.52 31.59 -14.04
CA VAL A 334 39.33 31.02 -12.71
C VAL A 334 37.90 31.25 -12.25
N PHE A 335 37.39 32.47 -12.44
CA PHE A 335 36.02 32.78 -12.03
C PHE A 335 35.02 31.96 -12.82
N PHE A 336 35.25 31.76 -14.12
CA PHE A 336 34.36 30.91 -14.89
C PHE A 336 34.33 29.49 -14.33
N SER A 337 35.50 28.95 -14.02
CA SER A 337 35.55 27.60 -13.45
C SER A 337 34.82 27.53 -12.11
N VAL A 338 35.00 28.55 -11.27
CA VAL A 338 34.37 28.54 -9.95
C VAL A 338 32.85 28.68 -10.07
N LEU A 339 32.39 29.52 -11.00
CA LEU A 339 30.95 29.64 -11.22
C LEU A 339 30.36 28.32 -11.71
N ILE A 340 31.08 27.63 -12.60
CA ILE A 340 30.61 26.33 -13.06
C ILE A 340 30.54 25.36 -11.89
N GLY A 341 31.54 25.40 -10.99
CA GLY A 341 31.49 24.54 -9.83
C GLY A 341 30.31 24.83 -8.91
N ALA A 342 30.01 26.12 -8.74
CA ALA A 342 28.86 26.49 -7.92
C ALA A 342 27.57 25.94 -8.53
N PHE A 343 27.42 26.07 -9.84
CA PHE A 343 26.24 25.50 -10.48
C PHE A 343 26.23 23.98 -10.39
N SER A 344 27.40 23.36 -10.41
CA SER A 344 27.47 21.91 -10.19
C SER A 344 26.91 21.56 -8.82
N VAL A 345 27.30 22.30 -7.79
CA VAL A 345 26.77 22.05 -6.45
C VAL A 345 25.26 22.26 -6.42
N GLY A 346 24.79 23.29 -7.12
CA GLY A 346 23.36 23.53 -7.18
C GLY A 346 22.61 22.36 -7.78
N GLN A 347 23.17 21.77 -8.83
CA GLN A 347 22.56 20.56 -9.40
C GLN A 347 22.71 19.37 -8.46
N ALA A 348 23.76 19.37 -7.62
CA ALA A 348 24.00 18.24 -6.74
C ALA A 348 22.97 18.17 -5.62
N SER A 349 22.57 19.32 -5.09
CA SER A 349 21.75 19.33 -3.87
C SER A 349 20.53 18.42 -3.95
N PRO A 350 19.73 18.44 -5.01
CA PRO A 350 18.56 17.53 -5.06
C PRO A 350 18.94 16.07 -4.91
N SER A 351 20.11 15.67 -5.44
CA SER A 351 20.51 14.27 -5.33
C SER A 351 20.80 13.89 -3.89
N ILE A 352 21.47 14.75 -3.13
CA ILE A 352 21.71 14.43 -1.72
C ILE A 352 20.39 14.41 -0.96
N GLU A 353 19.47 15.30 -1.31
CA GLU A 353 18.15 15.24 -0.67
C GLU A 353 17.47 13.90 -0.94
N ALA A 354 17.49 13.46 -2.19
CA ALA A 354 16.86 12.19 -2.55
C ALA A 354 17.54 11.03 -1.85
N PHE A 355 18.87 11.06 -1.75
CA PHE A 355 19.57 9.98 -1.07
C PHE A 355 19.22 9.95 0.42
N ALA A 356 19.07 11.12 1.03
CA ALA A 356 18.62 11.15 2.42
C ALA A 356 17.24 10.52 2.55
N ASN A 357 16.34 10.86 1.63
CA ASN A 357 15.03 10.20 1.62
C ASN A 357 15.19 8.69 1.52
N ALA A 358 16.12 8.25 0.68
CA ALA A 358 16.33 6.82 0.49
C ALA A 358 16.77 6.15 1.79
N ARG A 359 17.71 6.76 2.49
CA ARG A 359 18.14 6.20 3.78
C ARG A 359 16.98 6.15 4.76
N GLY A 360 16.19 7.22 4.81
CA GLY A 360 15.03 7.21 5.69
C GLY A 360 14.09 6.07 5.38
N ALA A 361 13.79 5.86 4.10
CA ALA A 361 12.91 4.76 3.71
C ALA A 361 13.53 3.41 4.02
N ALA A 362 14.87 3.32 3.91
CA ALA A 362 15.54 2.05 4.19
C ALA A 362 15.44 1.69 5.67
N TYR A 363 15.40 2.70 6.55
CA TYR A 363 15.35 2.42 7.99
C TYR A 363 14.37 1.30 8.32
N GLU A 364 13.08 1.52 8.06
CA GLU A 364 12.06 0.58 8.53
C GLU A 364 12.13 -0.75 7.77
N ILE A 365 12.39 -0.69 6.45
CA ILE A 365 12.42 -1.92 5.67
C ILE A 365 13.51 -2.84 6.21
N PHE A 366 14.70 -2.30 6.46
CA PHE A 366 15.78 -3.14 6.95
C PHE A 366 15.58 -3.49 8.42
N LYS A 367 14.87 -2.66 9.17
CA LYS A 367 14.50 -3.07 10.53
C LYS A 367 13.67 -4.35 10.48
N ILE A 368 12.71 -4.43 9.57
CA ILE A 368 11.91 -5.64 9.45
C ILE A 368 12.75 -6.78 8.89
N ILE A 369 13.61 -6.50 7.91
CA ILE A 369 14.40 -7.56 7.29
C ILE A 369 15.31 -8.22 8.31
N ASP A 370 15.95 -7.42 9.16
CA ASP A 370 16.85 -7.94 10.18
C ASP A 370 16.10 -8.50 11.39
N ASN A 371 14.80 -8.71 11.28
CA ASN A 371 14.00 -9.24 12.38
C ASN A 371 13.97 -10.76 12.28
N LYS A 372 15.03 -11.37 12.80
CA LYS A 372 15.15 -12.83 12.77
C LYS A 372 14.19 -13.43 13.79
N PRO A 373 13.26 -14.31 13.37
CA PRO A 373 12.29 -14.85 14.32
C PRO A 373 12.81 -16.06 15.07
N SER A 374 11.99 -16.61 15.96
CA SER A 374 12.33 -17.83 16.67
C SER A 374 11.81 -19.07 15.94
N ILE A 375 10.54 -19.04 15.53
CA ILE A 375 9.94 -20.17 14.81
C ILE A 375 10.17 -19.89 13.32
N ASP A 376 11.35 -20.28 12.84
CA ASP A 376 11.67 -20.09 11.43
C ASP A 376 10.82 -21.03 10.58
N SER A 377 10.09 -20.47 9.63
CA SER A 377 9.23 -21.26 8.76
C SER A 377 9.95 -21.73 7.51
N TYR A 378 11.27 -21.60 7.46
CA TYR A 378 12.07 -22.05 6.34
C TYR A 378 13.25 -22.92 6.73
N SER A 379 13.73 -22.85 7.97
CA SER A 379 14.88 -23.62 8.36
C SER A 379 14.60 -25.11 8.28
N LYS A 380 15.67 -25.89 8.17
CA LYS A 380 15.59 -27.35 8.09
C LYS A 380 16.32 -27.99 9.26
N SER A 381 16.11 -27.46 10.46
CA SER A 381 16.82 -27.90 11.65
C SER A 381 16.03 -28.92 12.48
N GLY A 382 14.94 -29.46 11.94
CA GLY A 382 14.09 -30.39 12.65
C GLY A 382 14.09 -31.77 12.03
N HIS A 383 13.30 -32.65 12.66
CA HIS A 383 13.14 -34.02 12.20
C HIS A 383 11.78 -34.17 11.53
N LYS A 384 11.74 -34.97 10.46
CA LYS A 384 10.50 -35.29 9.75
C LYS A 384 10.46 -36.80 9.56
N PRO A 385 10.20 -37.55 10.64
CA PRO A 385 10.25 -39.01 10.54
C PRO A 385 9.28 -39.55 9.50
N ASP A 386 9.72 -40.59 8.79
CA ASP A 386 8.92 -41.14 7.69
C ASP A 386 7.58 -41.66 8.19
N ASN A 387 7.61 -42.49 9.22
CA ASN A 387 6.39 -43.05 9.79
C ASN A 387 5.85 -42.10 10.85
N ILE A 388 4.67 -41.55 10.61
CA ILE A 388 4.05 -40.58 11.50
C ILE A 388 2.67 -41.12 11.85
N LYS A 389 2.58 -41.81 12.98
CA LYS A 389 1.28 -42.24 13.50
C LYS A 389 0.60 -41.06 14.18
N GLY A 390 -0.67 -40.86 13.89
CA GLY A 390 -1.36 -39.67 14.34
C GLY A 390 -1.69 -39.72 15.82
N ASN A 391 -0.65 -39.66 16.66
CA ASN A 391 -0.81 -39.63 18.10
C ASN A 391 -0.29 -38.30 18.62
N LEU A 392 -1.13 -37.59 19.38
CA LEU A 392 -0.79 -36.29 19.93
C LEU A 392 -1.22 -36.24 21.39
N GLU A 393 -0.59 -35.34 22.14
CA GLU A 393 -0.90 -35.21 23.56
C GLU A 393 -0.31 -33.90 24.09
N PHE A 394 -1.10 -33.17 24.87
CA PHE A 394 -0.64 -32.00 25.59
C PHE A 394 -0.21 -32.41 26.99
N ARG A 395 0.77 -31.69 27.54
CA ARG A 395 1.29 -32.00 28.87
C ARG A 395 1.68 -30.69 29.54
N ASN A 396 0.91 -30.30 30.57
CA ASN A 396 1.21 -29.10 31.35
C ASN A 396 1.45 -27.90 30.43
N VAL A 397 0.50 -27.68 29.52
CA VAL A 397 0.64 -26.62 28.53
C VAL A 397 0.14 -25.29 29.10
N HIS A 398 1.03 -24.53 29.70
CA HIS A 398 0.72 -23.17 30.15
C HIS A 398 0.95 -22.23 28.98
N PHE A 399 -0.11 -21.54 28.55
CA PHE A 399 0.00 -20.69 27.37
C PHE A 399 -0.88 -19.46 27.52
N SER A 400 -0.33 -18.32 27.14
CA SER A 400 -1.05 -17.06 27.09
C SER A 400 -0.71 -16.36 25.77
N TYR A 401 -1.68 -15.69 25.18
CA TYR A 401 -1.46 -15.08 23.88
C TYR A 401 -0.55 -13.87 24.00
N PRO A 402 0.48 -13.75 23.16
CA PRO A 402 1.33 -12.54 23.21
C PRO A 402 0.56 -11.26 22.94
N SER A 403 -0.60 -11.33 22.28
CA SER A 403 -1.39 -10.12 22.07
C SER A 403 -1.79 -9.50 23.40
N ARG A 404 -2.17 -10.33 24.37
CA ARG A 404 -2.46 -9.89 25.74
C ARG A 404 -1.66 -10.79 26.67
N LYS A 405 -0.45 -10.35 27.01
CA LYS A 405 0.45 -11.19 27.80
C LYS A 405 -0.18 -11.54 29.15
N GLU A 406 -0.93 -10.61 29.74
CA GLU A 406 -1.43 -10.80 31.09
C GLU A 406 -2.36 -12.01 31.17
N VAL A 407 -3.35 -12.07 30.27
CA VAL A 407 -4.42 -13.05 30.41
C VAL A 407 -3.85 -14.46 30.33
N LYS A 408 -4.33 -15.34 31.21
CA LYS A 408 -4.00 -16.75 31.19
C LYS A 408 -5.18 -17.52 30.62
N ILE A 409 -4.94 -18.30 29.56
CA ILE A 409 -6.01 -18.93 28.81
C ILE A 409 -5.92 -20.44 28.93
N LEU A 410 -4.70 -20.95 29.10
CA LEU A 410 -4.46 -22.37 29.23
C LEU A 410 -3.80 -22.63 30.58
N LYS A 411 -4.48 -23.38 31.43
CA LYS A 411 -3.99 -23.66 32.78
C LYS A 411 -3.12 -24.90 32.85
N GLY A 412 -2.61 -25.37 31.70
CA GLY A 412 -1.76 -26.54 31.69
C GLY A 412 -2.54 -27.83 31.46
N LEU A 413 -3.48 -27.81 30.53
CA LEU A 413 -4.32 -28.97 30.31
C LEU A 413 -3.49 -30.14 29.79
N ASN A 414 -4.13 -31.28 29.58
CA ASN A 414 -3.45 -32.45 29.06
C ASN A 414 -4.45 -33.31 28.32
N LEU A 415 -4.30 -33.41 27.01
CA LEU A 415 -5.14 -34.24 26.15
C LEU A 415 -4.31 -35.39 25.59
N LYS A 416 -4.97 -36.27 24.86
CA LYS A 416 -4.29 -37.41 24.26
C LYS A 416 -5.24 -38.09 23.29
N VAL A 417 -4.71 -38.47 22.12
CA VAL A 417 -5.47 -39.21 21.12
C VAL A 417 -4.55 -40.22 20.45
N GLN A 418 -5.16 -41.19 19.80
CA GLN A 418 -4.44 -42.21 19.04
C GLN A 418 -4.92 -42.19 17.60
N SER A 419 -4.05 -42.63 16.70
CA SER A 419 -4.35 -42.59 15.28
C SER A 419 -5.75 -43.13 15.02
N GLY A 420 -6.57 -42.32 14.35
CA GLY A 420 -7.92 -42.70 14.03
C GLY A 420 -8.93 -42.40 15.11
N GLN A 421 -8.49 -42.12 16.34
CA GLN A 421 -9.42 -41.77 17.40
C GLN A 421 -9.79 -40.30 17.29
N THR A 422 -11.08 -40.02 17.23
CA THR A 422 -11.59 -38.66 17.07
C THR A 422 -11.92 -38.10 18.45
N VAL A 423 -11.21 -37.04 18.83
CA VAL A 423 -11.39 -36.39 20.13
C VAL A 423 -12.04 -35.04 19.87
N ALA A 424 -13.32 -34.93 20.20
CA ALA A 424 -14.06 -33.70 19.98
C ALA A 424 -13.90 -32.77 21.17
N LEU A 425 -13.84 -31.47 20.88
CA LEU A 425 -13.73 -30.44 21.90
C LEU A 425 -15.04 -29.67 21.96
N VAL A 426 -15.69 -29.69 23.12
CA VAL A 426 -16.97 -29.05 23.33
C VAL A 426 -16.91 -28.27 24.63
N GLY A 427 -17.52 -27.09 24.65
CA GLY A 427 -17.53 -26.28 25.84
C GLY A 427 -18.12 -24.91 25.57
N ASN A 428 -18.08 -24.07 26.60
CA ASN A 428 -18.59 -22.72 26.49
C ASN A 428 -17.76 -21.91 25.51
N SER A 429 -18.39 -20.92 24.90
CA SER A 429 -17.74 -20.13 23.86
C SER A 429 -16.45 -19.51 24.38
N GLY A 430 -15.39 -19.60 23.59
CA GLY A 430 -14.13 -18.99 23.94
C GLY A 430 -13.40 -19.67 25.08
N CYS A 431 -13.64 -20.97 25.29
CA CYS A 431 -12.96 -21.68 26.36
C CYS A 431 -11.53 -22.06 26.02
N GLY A 432 -11.10 -21.87 24.76
CA GLY A 432 -9.72 -22.08 24.39
C GLY A 432 -9.47 -23.17 23.38
N LYS A 433 -10.54 -23.71 22.79
CA LYS A 433 -10.37 -24.79 21.82
C LYS A 433 -9.53 -24.34 20.64
N SER A 434 -9.91 -23.23 20.02
CA SER A 434 -9.11 -22.68 18.94
C SER A 434 -7.69 -22.41 19.41
N THR A 435 -7.54 -21.99 20.67
CA THR A 435 -6.20 -21.83 21.23
C THR A 435 -5.46 -23.16 21.27
N THR A 436 -6.17 -24.23 21.62
CA THR A 436 -5.53 -25.54 21.64
C THR A 436 -5.01 -25.92 20.26
N VAL A 437 -5.84 -25.80 19.23
CA VAL A 437 -5.39 -26.17 17.90
C VAL A 437 -4.27 -25.26 17.43
N GLN A 438 -4.34 -23.98 17.79
CA GLN A 438 -3.26 -23.06 17.43
C GLN A 438 -1.95 -23.51 18.05
N LEU A 439 -1.95 -23.79 19.36
CA LEU A 439 -0.73 -24.24 20.01
C LEU A 439 -0.22 -25.53 19.38
N MET A 440 -1.14 -26.43 19.00
CA MET A 440 -0.71 -27.67 18.38
C MET A 440 -0.06 -27.43 17.03
N GLN A 441 -0.59 -26.50 16.24
CA GLN A 441 0.00 -26.17 14.95
C GLN A 441 1.33 -25.45 15.08
N ARG A 442 1.80 -25.22 16.30
CA ARG A 442 3.05 -24.52 16.56
C ARG A 442 3.02 -23.08 16.06
N LEU A 443 1.83 -22.53 15.83
CA LEU A 443 1.74 -21.09 15.57
C LEU A 443 2.26 -20.32 16.78
N TYR A 444 1.88 -20.74 17.98
CA TYR A 444 2.36 -20.14 19.21
C TYR A 444 3.09 -21.20 20.03
N ASP A 445 4.27 -20.87 20.52
CA ASP A 445 4.98 -21.75 21.42
C ASP A 445 4.43 -21.61 22.83
N PRO A 446 3.98 -22.69 23.48
CA PRO A 446 3.41 -22.54 24.82
C PRO A 446 4.46 -22.06 25.80
N THR A 447 4.01 -21.30 26.81
CA THR A 447 4.93 -20.77 27.81
C THR A 447 5.67 -21.92 28.50
N GLU A 448 4.93 -22.90 29.01
CA GLU A 448 5.50 -24.10 29.59
C GLU A 448 4.61 -25.26 29.20
N GLY A 449 5.22 -26.32 28.66
CA GLY A 449 4.45 -27.45 28.20
C GLY A 449 5.24 -28.37 27.29
N MET A 450 4.86 -29.64 27.25
CA MET A 450 5.59 -30.63 26.48
C MET A 450 4.72 -31.20 25.37
N VAL A 451 3.99 -30.34 24.67
CA VAL A 451 3.13 -30.79 23.58
C VAL A 451 3.94 -31.68 22.66
N SER A 452 3.50 -32.92 22.50
CA SER A 452 4.25 -33.93 21.77
C SER A 452 3.33 -34.68 20.82
N VAL A 453 3.91 -35.12 19.70
CA VAL A 453 3.21 -35.94 18.71
C VAL A 453 3.98 -37.25 18.57
N ASP A 454 3.28 -38.36 18.74
CA ASP A 454 3.90 -39.67 18.65
C ASP A 454 5.17 -39.74 19.50
N GLY A 455 5.07 -39.19 20.71
CA GLY A 455 6.19 -39.19 21.63
C GLY A 455 7.11 -38.01 21.44
N GLN A 456 7.69 -37.87 20.25
CA GLN A 456 8.62 -36.78 20.01
C GLN A 456 7.94 -35.43 20.21
N ASP A 457 8.62 -34.53 20.91
CA ASP A 457 8.07 -33.21 21.16
C ASP A 457 7.88 -32.46 19.85
N ILE A 458 6.86 -31.59 19.83
CA ILE A 458 6.59 -30.82 18.62
C ILE A 458 7.77 -29.92 18.29
N ARG A 459 8.37 -29.31 19.31
CA ARG A 459 9.44 -28.34 19.07
C ARG A 459 10.57 -28.96 18.27
N THR A 460 10.92 -30.21 18.55
CA THR A 460 12.03 -30.84 17.84
C THR A 460 11.71 -31.04 16.36
N ILE A 461 10.47 -31.43 16.05
CA ILE A 461 10.10 -31.68 14.67
C ILE A 461 10.24 -30.39 13.86
N ASN A 462 10.42 -30.55 12.55
CA ASN A 462 10.57 -29.42 11.66
C ASN A 462 9.20 -28.82 11.35
N VAL A 463 9.11 -27.49 11.44
CA VAL A 463 7.82 -26.82 11.36
C VAL A 463 7.18 -27.05 10.00
N ARG A 464 7.96 -26.94 8.93
CA ARG A 464 7.39 -27.04 7.59
C ARG A 464 6.70 -28.38 7.39
N PHE A 465 7.40 -29.48 7.68
CA PHE A 465 6.80 -30.79 7.53
C PHE A 465 5.61 -30.95 8.48
N LEU A 466 5.75 -30.46 9.71
CA LEU A 466 4.67 -30.59 10.68
C LEU A 466 3.38 -29.99 10.14
N ARG A 467 3.45 -28.74 9.67
CA ARG A 467 2.26 -28.11 9.11
C ARG A 467 1.84 -28.76 7.80
N GLU A 468 2.78 -29.34 7.06
CA GLU A 468 2.42 -30.05 5.84
C GLU A 468 1.52 -31.24 6.15
N ILE A 469 1.84 -31.98 7.21
CA ILE A 469 1.07 -33.19 7.53
C ILE A 469 -0.22 -32.90 8.28
N ILE A 470 -0.45 -31.65 8.68
CA ILE A 470 -1.65 -31.26 9.41
C ILE A 470 -2.58 -30.53 8.46
N GLY A 471 -3.84 -30.94 8.44
CA GLY A 471 -4.85 -30.25 7.66
C GLY A 471 -5.88 -29.59 8.56
N VAL A 472 -6.04 -28.28 8.46
CA VAL A 472 -6.87 -27.52 9.37
C VAL A 472 -7.95 -26.81 8.55
N VAL A 473 -9.20 -27.00 8.95
CA VAL A 473 -10.29 -26.23 8.36
C VAL A 473 -10.29 -24.84 8.96
N SER A 474 -10.47 -23.83 8.10
CA SER A 474 -10.39 -22.44 8.51
C SER A 474 -11.70 -22.06 9.19
N GLN A 475 -11.71 -22.08 10.52
CA GLN A 475 -12.86 -21.57 11.25
C GLN A 475 -13.09 -20.12 10.84
N GLU A 476 -14.35 -19.78 10.56
CA GLU A 476 -14.61 -18.55 9.84
C GLU A 476 -13.79 -18.59 8.56
N PRO A 477 -14.19 -19.41 7.58
CA PRO A 477 -13.30 -19.76 6.48
C PRO A 477 -12.84 -18.54 5.69
N VAL A 478 -11.62 -18.63 5.17
CA VAL A 478 -10.99 -17.57 4.38
C VAL A 478 -10.49 -18.20 3.09
N LEU A 479 -11.03 -17.75 1.97
CA LEU A 479 -10.64 -18.23 0.64
C LEU A 479 -10.05 -17.08 -0.16
N PHE A 480 -9.03 -17.40 -0.95
CA PHE A 480 -8.31 -16.37 -1.69
C PHE A 480 -9.04 -16.01 -2.98
N ALA A 481 -8.78 -14.80 -3.46
CA ALA A 481 -9.44 -14.26 -4.65
C ALA A 481 -8.85 -14.91 -5.90
N THR A 482 -9.23 -16.16 -6.12
CA THR A 482 -8.80 -16.92 -7.28
C THR A 482 -9.98 -17.74 -7.75
N THR A 483 -9.73 -18.71 -8.62
CA THR A 483 -10.77 -19.64 -9.03
C THR A 483 -10.89 -20.77 -8.02
N ILE A 484 -12.06 -21.42 -8.01
CA ILE A 484 -12.31 -22.47 -7.04
C ILE A 484 -11.28 -23.57 -7.17
N ALA A 485 -10.91 -23.91 -8.41
CA ALA A 485 -9.89 -24.93 -8.62
C ALA A 485 -8.60 -24.57 -7.91
N GLU A 486 -8.13 -23.33 -8.09
CA GLU A 486 -6.89 -22.92 -7.45
C GLU A 486 -7.08 -22.77 -5.94
N ASN A 487 -8.25 -22.28 -5.53
CA ASN A 487 -8.53 -22.18 -4.10
C ASN A 487 -8.35 -23.54 -3.43
N ILE A 488 -8.82 -24.61 -4.08
CA ILE A 488 -8.57 -25.96 -3.57
C ILE A 488 -7.10 -26.32 -3.71
N ARG A 489 -6.51 -25.99 -4.86
CA ARG A 489 -5.13 -26.40 -5.13
C ARG A 489 -4.18 -25.87 -4.06
N TYR A 490 -4.54 -24.77 -3.40
CA TYR A 490 -3.68 -24.28 -2.34
C TYR A 490 -3.46 -25.31 -1.25
N GLY A 491 -4.35 -26.31 -1.14
CA GLY A 491 -4.17 -27.33 -0.13
C GLY A 491 -2.85 -28.07 -0.27
N ARG A 492 -2.54 -28.49 -1.50
CA ARG A 492 -1.27 -29.17 -1.78
C ARG A 492 -0.79 -28.76 -3.16
N GLU A 493 0.53 -28.72 -3.33
CA GLU A 493 1.13 -28.24 -4.56
C GLU A 493 0.70 -29.08 -5.75
N ASN A 494 1.06 -30.35 -5.75
CA ASN A 494 0.75 -31.27 -6.85
C ASN A 494 -0.58 -31.96 -6.56
N VAL A 495 -1.61 -31.58 -7.30
CA VAL A 495 -2.95 -32.13 -7.10
C VAL A 495 -3.57 -32.41 -8.45
N THR A 496 -4.25 -33.55 -8.56
CA THR A 496 -4.89 -33.96 -9.79
C THR A 496 -6.36 -33.58 -9.77
N MET A 497 -6.91 -33.31 -10.96
CA MET A 497 -8.32 -32.94 -11.05
C MET A 497 -9.22 -34.04 -10.54
N ASP A 498 -8.84 -35.31 -10.78
CA ASP A 498 -9.61 -36.41 -10.22
C ASP A 498 -9.61 -36.38 -8.71
N GLU A 499 -8.45 -36.10 -8.11
CA GLU A 499 -8.39 -35.99 -6.65
C GLU A 499 -9.29 -34.87 -6.17
N ILE A 500 -9.31 -33.74 -6.88
CA ILE A 500 -10.18 -32.64 -6.50
C ILE A 500 -11.64 -33.07 -6.57
N GLU A 501 -12.01 -33.77 -7.64
CA GLU A 501 -13.40 -34.21 -7.78
C GLU A 501 -13.78 -35.14 -6.65
N LYS A 502 -12.90 -36.09 -6.31
CA LYS A 502 -13.20 -37.01 -5.21
C LYS A 502 -13.34 -36.26 -3.89
N ALA A 503 -12.43 -35.33 -3.62
CA ALA A 503 -12.48 -34.58 -2.37
C ALA A 503 -13.75 -33.75 -2.27
N VAL A 504 -14.10 -33.05 -3.35
CA VAL A 504 -15.30 -32.21 -3.30
C VAL A 504 -16.54 -33.08 -3.14
N LYS A 505 -16.57 -34.24 -3.80
CA LYS A 505 -17.68 -35.16 -3.58
C LYS A 505 -17.75 -35.56 -2.11
N GLU A 506 -16.59 -35.83 -1.51
CA GLU A 506 -16.57 -36.12 -0.07
C GLU A 506 -17.06 -34.92 0.74
N ALA A 507 -16.93 -33.71 0.19
CA ALA A 507 -17.32 -32.50 0.89
C ALA A 507 -18.76 -32.09 0.61
N ASN A 508 -19.51 -32.87 -0.16
CA ASN A 508 -20.89 -32.52 -0.50
C ASN A 508 -20.95 -31.15 -1.17
N ALA A 509 -19.98 -30.87 -2.03
CA ALA A 509 -19.90 -29.59 -2.73
C ALA A 509 -19.91 -29.73 -4.24
N TYR A 510 -19.81 -30.95 -4.79
CA TYR A 510 -19.74 -31.10 -6.24
C TYR A 510 -21.01 -30.61 -6.91
N ASP A 511 -22.17 -30.82 -6.26
CA ASP A 511 -23.44 -30.51 -6.92
C ASP A 511 -23.55 -29.03 -7.24
N PHE A 512 -23.35 -28.17 -6.24
CA PHE A 512 -23.50 -26.73 -6.50
C PHE A 512 -22.38 -26.21 -7.38
N ILE A 513 -21.17 -26.78 -7.25
CA ILE A 513 -20.07 -26.38 -8.11
C ILE A 513 -20.43 -26.63 -9.57
N MET A 514 -20.89 -27.83 -9.89
CA MET A 514 -21.35 -28.12 -11.23
C MET A 514 -22.53 -27.23 -11.61
N LYS A 515 -23.32 -26.81 -10.62
CA LYS A 515 -24.47 -25.95 -10.92
C LYS A 515 -24.02 -24.64 -11.54
N LEU A 516 -22.94 -24.05 -11.01
CA LEU A 516 -22.51 -22.75 -11.49
C LEU A 516 -21.80 -22.87 -12.84
N PRO A 517 -21.96 -21.88 -13.73
CA PRO A 517 -21.16 -21.88 -14.95
C PRO A 517 -19.68 -21.76 -14.63
N HIS A 518 -18.85 -22.29 -15.53
CA HIS A 518 -17.42 -22.42 -15.28
C HIS A 518 -17.20 -23.20 -13.98
N LYS A 519 -17.65 -24.46 -14.01
CA LYS A 519 -17.81 -25.25 -12.80
C LYS A 519 -16.67 -25.02 -11.82
N PHE A 520 -15.44 -25.28 -12.24
CA PHE A 520 -14.28 -25.04 -11.40
C PHE A 520 -13.50 -23.80 -11.79
N ASP A 521 -13.90 -23.12 -12.85
CA ASP A 521 -13.23 -21.90 -13.28
C ASP A 521 -13.84 -20.64 -12.66
N THR A 522 -14.96 -20.77 -11.96
CA THR A 522 -15.58 -19.59 -11.36
C THR A 522 -14.64 -18.97 -10.33
N LEU A 523 -14.69 -17.65 -10.25
CA LEU A 523 -13.81 -16.89 -9.37
C LEU A 523 -14.52 -16.53 -8.07
N VAL A 524 -13.78 -16.62 -6.98
CA VAL A 524 -14.24 -16.13 -5.68
C VAL A 524 -13.53 -14.81 -5.42
N GLY A 525 -14.17 -13.95 -4.65
CA GLY A 525 -13.69 -12.61 -4.40
C GLY A 525 -12.76 -12.54 -3.21
N GLU A 526 -12.57 -11.33 -2.71
CA GLU A 526 -11.72 -11.14 -1.54
C GLU A 526 -12.23 -11.99 -0.38
N ARG A 527 -11.31 -12.70 0.27
CA ARG A 527 -11.64 -13.56 1.41
C ARG A 527 -12.78 -14.51 1.08
N GLY A 528 -12.99 -14.81 -0.19
CA GLY A 528 -14.08 -15.68 -0.58
C GLY A 528 -15.44 -15.13 -0.23
N ALA A 529 -15.66 -13.84 -0.46
CA ALA A 529 -16.95 -13.23 -0.18
C ALA A 529 -17.96 -13.45 -1.31
N GLN A 530 -17.52 -13.91 -2.47
CA GLN A 530 -18.44 -14.14 -3.58
C GLN A 530 -19.33 -15.35 -3.37
N LEU A 531 -19.04 -16.18 -2.37
CA LEU A 531 -19.82 -17.39 -2.11
C LEU A 531 -20.50 -17.27 -0.76
N SER A 532 -21.58 -18.03 -0.60
CA SER A 532 -22.29 -18.03 0.67
C SER A 532 -21.44 -18.70 1.74
N GLY A 533 -21.78 -18.41 3.00
CA GLY A 533 -20.98 -18.92 4.10
C GLY A 533 -20.88 -20.44 4.07
N GLY A 534 -22.00 -21.12 3.82
CA GLY A 534 -21.96 -22.57 3.75
C GLY A 534 -21.08 -23.06 2.61
N GLN A 535 -21.18 -22.43 1.45
CA GLN A 535 -20.34 -22.81 0.33
C GLN A 535 -18.87 -22.58 0.64
N LYS A 536 -18.55 -21.45 1.28
CA LYS A 536 -17.17 -21.20 1.67
C LYS A 536 -16.67 -22.27 2.64
N GLN A 537 -17.52 -22.65 3.60
CA GLN A 537 -17.13 -23.70 4.53
C GLN A 537 -16.87 -25.01 3.78
N ARG A 538 -17.72 -25.35 2.83
CA ARG A 538 -17.55 -26.60 2.10
C ARG A 538 -16.26 -26.57 1.27
N ILE A 539 -15.96 -25.43 0.66
CA ILE A 539 -14.73 -25.32 -0.11
C ILE A 539 -13.52 -25.43 0.80
N ALA A 540 -13.60 -24.84 1.99
CA ALA A 540 -12.51 -25.00 2.94
C ALA A 540 -12.36 -26.46 3.36
N ILE A 541 -13.49 -27.15 3.53
CA ILE A 541 -13.45 -28.58 3.84
C ILE A 541 -12.71 -29.34 2.75
N ALA A 542 -13.05 -29.03 1.49
CA ALA A 542 -12.34 -29.67 0.39
C ALA A 542 -10.86 -29.35 0.45
N ARG A 543 -10.51 -28.10 0.75
CA ARG A 543 -9.10 -27.73 0.83
C ARG A 543 -8.38 -28.54 1.89
N ALA A 544 -9.01 -28.72 3.05
CA ALA A 544 -8.41 -29.53 4.10
C ALA A 544 -8.27 -30.98 3.66
N LEU A 545 -9.30 -31.52 3.00
CA LEU A 545 -9.29 -32.93 2.63
C LEU A 545 -8.21 -33.22 1.58
N VAL A 546 -8.07 -32.35 0.59
CA VAL A 546 -7.15 -32.64 -0.51
C VAL A 546 -5.74 -32.85 0.02
N ARG A 547 -5.39 -32.19 1.11
CA ARG A 547 -4.07 -32.42 1.71
C ARG A 547 -3.91 -33.84 2.20
N ASN A 548 -5.01 -34.59 2.37
CA ASN A 548 -4.98 -35.95 2.86
C ASN A 548 -4.12 -36.02 4.14
N PRO A 549 -4.50 -35.32 5.19
CA PRO A 549 -3.63 -35.19 6.36
C PRO A 549 -3.80 -36.33 7.35
N LYS A 550 -2.70 -36.64 8.03
CA LYS A 550 -2.74 -37.62 9.11
C LYS A 550 -3.40 -37.07 10.36
N ILE A 551 -3.46 -35.75 10.51
CA ILE A 551 -4.05 -35.10 11.68
C ILE A 551 -4.99 -34.02 11.16
N LEU A 552 -6.27 -34.35 11.04
CA LEU A 552 -7.27 -33.36 10.63
C LEU A 552 -7.67 -32.50 11.82
N LEU A 553 -7.83 -31.21 11.58
CA LEU A 553 -8.18 -30.27 12.64
C LEU A 553 -9.50 -29.57 12.34
N LEU A 554 -10.49 -30.35 11.95
CA LEU A 554 -11.85 -29.83 11.75
C LEU A 554 -12.21 -28.86 12.85
N ASP A 555 -12.59 -27.64 12.47
CA ASP A 555 -12.89 -26.57 13.43
C ASP A 555 -14.24 -25.95 13.06
N GLU A 556 -15.30 -26.46 13.69
CA GLU A 556 -16.64 -25.92 13.50
C GLU A 556 -16.99 -25.84 12.02
N ALA A 557 -16.65 -26.89 11.28
CA ALA A 557 -16.98 -26.93 9.86
C ALA A 557 -18.47 -27.07 9.62
N THR A 558 -19.24 -27.45 10.63
CA THR A 558 -20.70 -27.42 10.56
C THR A 558 -21.14 -26.16 11.31
N SER A 559 -21.05 -25.03 10.63
CA SER A 559 -21.35 -23.74 11.21
C SER A 559 -22.54 -23.07 10.55
N ALA A 560 -22.51 -22.95 9.22
CA ALA A 560 -23.60 -22.34 8.47
C ALA A 560 -24.31 -23.33 7.56
N LEU A 561 -23.88 -24.58 7.54
CA LEU A 561 -24.47 -25.57 6.65
C LEU A 561 -25.91 -25.87 7.05
N ASP A 562 -26.72 -26.24 6.07
CA ASP A 562 -28.05 -26.75 6.36
C ASP A 562 -27.94 -28.12 7.03
N THR A 563 -28.98 -28.47 7.80
CA THR A 563 -28.93 -29.69 8.59
C THR A 563 -28.60 -30.90 7.72
N GLU A 564 -29.22 -30.99 6.55
CA GLU A 564 -28.91 -32.09 5.63
C GLU A 564 -27.45 -32.04 5.20
N SER A 565 -26.95 -30.85 4.89
CA SER A 565 -25.55 -30.72 4.50
C SER A 565 -24.63 -31.15 5.63
N GLU A 566 -24.94 -30.72 6.86
CA GLU A 566 -24.11 -31.13 8.00
C GLU A 566 -24.14 -32.64 8.17
N ALA A 567 -25.31 -33.25 8.02
CA ALA A 567 -25.42 -34.69 8.19
C ALA A 567 -24.58 -35.43 7.15
N VAL A 568 -24.71 -35.03 5.88
CA VAL A 568 -23.97 -35.72 4.83
C VAL A 568 -22.48 -35.52 5.01
N VAL A 569 -22.06 -34.32 5.40
CA VAL A 569 -20.64 -34.07 5.61
C VAL A 569 -20.11 -34.91 6.76
N GLN A 570 -20.89 -35.01 7.84
CA GLN A 570 -20.46 -35.84 8.98
C GLN A 570 -20.32 -37.29 8.56
N VAL A 571 -21.29 -37.80 7.80
CA VAL A 571 -21.23 -39.19 7.34
C VAL A 571 -19.99 -39.39 6.47
N ALA A 572 -19.74 -38.47 5.54
CA ALA A 572 -18.57 -38.59 4.68
C ALA A 572 -17.28 -38.57 5.48
N LEU A 573 -17.19 -37.67 6.47
CA LEU A 573 -16.00 -37.60 7.29
C LEU A 573 -15.80 -38.90 8.07
N ASP A 574 -16.87 -39.43 8.65
CA ASP A 574 -16.77 -40.69 9.39
C ASP A 574 -16.36 -41.84 8.47
N LYS A 575 -16.77 -41.78 7.21
CA LYS A 575 -16.42 -42.86 6.28
C LYS A 575 -14.91 -43.11 6.26
N ALA A 576 -14.12 -42.04 6.35
CA ALA A 576 -12.67 -42.15 6.33
C ALA A 576 -12.02 -41.84 7.68
N ARG A 577 -12.83 -41.57 8.71
CA ARG A 577 -12.26 -41.25 10.02
C ARG A 577 -11.39 -42.38 10.56
N LYS A 578 -11.56 -43.60 10.07
CA LYS A 578 -10.80 -44.73 10.62
C LYS A 578 -9.31 -44.46 10.58
N GLY A 579 -8.80 -43.88 9.49
CA GLY A 579 -7.39 -43.63 9.33
C GLY A 579 -6.94 -42.20 9.58
N ARG A 580 -7.85 -41.28 9.89
CA ARG A 580 -7.51 -39.88 10.07
C ARG A 580 -7.73 -39.50 11.53
N THR A 581 -6.77 -38.79 12.11
CA THR A 581 -6.82 -38.39 13.51
C THR A 581 -7.50 -37.03 13.63
N THR A 582 -8.78 -37.02 13.32
CA THR A 582 -9.56 -35.78 13.36
C THR A 582 -9.72 -35.29 14.78
N ILE A 583 -9.82 -33.97 14.92
CA ILE A 583 -10.17 -33.32 16.19
C ILE A 583 -11.34 -32.39 15.87
N VAL A 584 -12.56 -32.91 15.99
CA VAL A 584 -13.74 -32.15 15.57
C VAL A 584 -14.12 -31.18 16.68
N ILE A 585 -14.17 -29.90 16.34
CA ILE A 585 -14.68 -28.86 17.23
C ILE A 585 -16.00 -28.37 16.66
N ALA A 586 -17.04 -28.39 17.48
CA ALA A 586 -18.35 -28.00 17.00
C ALA A 586 -19.22 -27.62 18.19
N HIS A 587 -20.31 -26.91 17.89
CA HIS A 587 -21.32 -26.60 18.88
C HIS A 587 -22.68 -27.17 18.55
N ARG A 588 -22.94 -27.52 17.29
CA ARG A 588 -24.10 -28.34 16.97
C ARG A 588 -23.82 -29.76 17.44
N LEU A 589 -24.26 -30.08 18.65
CA LEU A 589 -23.79 -31.29 19.32
C LEU A 589 -24.05 -32.55 18.50
N SER A 590 -25.05 -32.53 17.61
CA SER A 590 -25.29 -33.69 16.76
C SER A 590 -24.04 -34.08 15.99
N THR A 591 -23.27 -33.08 15.55
CA THR A 591 -22.07 -33.35 14.77
C THR A 591 -20.99 -34.05 15.57
N VAL A 592 -21.12 -34.11 16.90
CA VAL A 592 -20.17 -34.79 17.76
C VAL A 592 -20.82 -35.94 18.53
N ARG A 593 -22.01 -36.36 18.12
CA ARG A 593 -22.70 -37.43 18.85
C ARG A 593 -21.91 -38.73 18.79
N ASN A 594 -21.34 -39.05 17.63
CA ASN A 594 -20.59 -40.29 17.44
C ASN A 594 -19.08 -40.08 17.59
N ALA A 595 -18.68 -39.09 18.38
CA ALA A 595 -17.26 -38.80 18.56
C ALA A 595 -16.63 -39.81 19.52
N ASP A 596 -15.41 -40.23 19.20
CA ASP A 596 -14.73 -41.21 20.02
C ASP A 596 -14.53 -40.70 21.44
N VAL A 597 -14.07 -39.46 21.58
CA VAL A 597 -13.86 -38.84 22.89
C VAL A 597 -14.36 -37.41 22.82
N ILE A 598 -15.12 -37.00 23.82
CA ILE A 598 -15.65 -35.64 23.92
C ILE A 598 -14.94 -34.96 25.08
N ALA A 599 -14.38 -33.80 24.82
CA ALA A 599 -13.61 -33.05 25.81
C ALA A 599 -14.44 -31.86 26.31
N GLY A 600 -14.55 -31.74 27.62
CA GLY A 600 -15.27 -30.65 28.24
C GLY A 600 -14.31 -29.62 28.79
N PHE A 601 -14.34 -28.42 28.21
CA PHE A 601 -13.43 -27.36 28.55
C PHE A 601 -14.06 -26.42 29.57
N ASP A 602 -13.30 -26.08 30.61
CA ASP A 602 -13.75 -25.13 31.62
C ASP A 602 -12.54 -24.48 32.26
N ASP A 603 -12.49 -23.15 32.20
CA ASP A 603 -11.41 -22.37 32.81
C ASP A 603 -10.04 -22.76 32.27
N GLY A 604 -9.98 -23.31 31.06
CA GLY A 604 -8.72 -23.69 30.46
C GLY A 604 -8.28 -25.11 30.74
N VAL A 605 -9.02 -25.88 31.54
CA VAL A 605 -8.70 -27.26 31.83
C VAL A 605 -9.86 -28.13 31.37
N ILE A 606 -9.56 -29.41 31.14
CA ILE A 606 -10.55 -30.39 30.75
C ILE A 606 -10.95 -31.19 31.98
N VAL A 607 -12.25 -31.27 32.24
CA VAL A 607 -12.80 -32.07 33.33
C VAL A 607 -13.57 -33.26 32.79
N GLU A 608 -14.63 -33.00 32.02
CA GLU A 608 -15.39 -34.09 31.42
C GLU A 608 -14.54 -34.80 30.38
N LYS A 609 -14.86 -36.07 30.14
CA LYS A 609 -14.16 -36.86 29.14
C LYS A 609 -15.02 -38.08 28.81
N GLY A 610 -14.45 -39.02 28.08
CA GLY A 610 -15.14 -40.25 27.75
C GLY A 610 -16.05 -40.10 26.55
N ASN A 611 -16.73 -41.19 26.21
CA ASN A 611 -17.65 -41.21 25.08
C ASN A 611 -18.91 -40.42 25.44
N HIS A 612 -19.89 -40.43 24.53
CA HIS A 612 -21.11 -39.69 24.76
C HIS A 612 -21.87 -40.23 25.96
N ASP A 613 -22.01 -41.55 26.05
CA ASP A 613 -22.77 -42.13 27.15
C ASP A 613 -22.14 -41.78 28.50
N GLU A 614 -20.83 -41.91 28.59
CA GLU A 614 -20.14 -41.56 29.84
C GLU A 614 -20.31 -40.08 30.16
N LEU A 615 -20.21 -39.22 29.14
CA LEU A 615 -20.38 -37.78 29.38
C LEU A 615 -21.79 -37.47 29.89
N MET A 616 -22.80 -38.09 29.29
CA MET A 616 -24.17 -37.87 29.75
C MET A 616 -24.36 -38.39 31.17
N LYS A 617 -23.76 -39.54 31.48
CA LYS A 617 -23.86 -40.06 32.84
C LYS A 617 -23.21 -39.10 33.83
N GLU A 618 -22.09 -38.49 33.45
CA GLU A 618 -21.45 -37.51 34.32
C GLU A 618 -22.39 -36.35 34.62
N LYS A 619 -23.35 -36.08 33.75
CA LYS A 619 -24.31 -35.00 33.94
C LYS A 619 -23.60 -33.67 34.17
N GLY A 620 -22.58 -33.41 33.35
CA GLY A 620 -21.77 -32.22 33.49
C GLY A 620 -22.02 -31.19 32.40
N ILE A 621 -20.93 -30.56 31.92
CA ILE A 621 -21.07 -29.48 30.95
C ILE A 621 -21.73 -29.99 29.67
N TYR A 622 -21.23 -31.12 29.14
CA TYR A 622 -21.79 -31.66 27.91
C TYR A 622 -23.28 -31.96 28.09
N PHE A 623 -23.63 -32.64 29.19
CA PHE A 623 -25.03 -32.93 29.45
C PHE A 623 -25.81 -31.64 29.64
N LYS A 624 -25.21 -30.65 30.30
CA LYS A 624 -25.88 -29.37 30.47
C LYS A 624 -26.30 -28.81 29.12
N LEU A 625 -25.35 -28.72 28.18
CA LEU A 625 -25.67 -28.16 26.87
C LEU A 625 -26.67 -29.02 26.13
N VAL A 626 -26.51 -30.34 26.18
CA VAL A 626 -27.40 -31.23 25.45
C VAL A 626 -28.84 -31.05 25.95
N THR A 627 -29.01 -30.99 27.27
CA THR A 627 -30.34 -30.76 27.82
C THR A 627 -30.86 -29.38 27.45
N MET A 628 -30.01 -28.36 27.51
CA MET A 628 -30.45 -27.01 27.17
C MET A 628 -30.97 -26.96 25.75
N GLN A 629 -30.34 -27.70 24.83
CA GLN A 629 -30.86 -27.79 23.48
C GLN A 629 -32.27 -28.39 23.46
N THR A 630 -32.56 -29.27 24.42
CA THR A 630 -33.87 -29.89 24.51
C THR A 630 -34.10 -30.82 23.33
N VAL A 695 -3.27 12.75 -19.67
CA VAL A 695 -4.58 13.38 -19.88
C VAL A 695 -4.75 14.54 -18.91
N SER A 696 -3.76 14.76 -18.04
CA SER A 696 -3.82 15.83 -17.05
C SER A 696 -2.56 16.67 -17.05
N PHE A 697 -1.93 16.84 -18.22
CA PHE A 697 -0.81 17.77 -18.32
C PHE A 697 -1.23 19.18 -17.95
N TRP A 698 -2.52 19.48 -18.01
CA TRP A 698 -3.07 20.74 -17.54
C TRP A 698 -4.19 20.58 -16.54
N ARG A 699 -4.83 19.42 -16.47
CA ARG A 699 -5.93 19.23 -15.51
C ARG A 699 -5.39 19.18 -14.09
N ILE A 700 -4.30 18.45 -13.86
CA ILE A 700 -3.73 18.38 -12.52
C ILE A 700 -3.24 19.75 -12.09
N MET A 701 -2.55 20.46 -12.98
CA MET A 701 -2.17 21.83 -12.69
C MET A 701 -3.40 22.70 -12.47
N LYS A 702 -4.50 22.40 -13.15
CA LYS A 702 -5.74 23.13 -12.91
C LYS A 702 -6.24 22.92 -11.49
N LEU A 703 -6.11 21.70 -10.97
CA LEU A 703 -6.62 21.40 -9.64
C LEU A 703 -5.97 22.27 -8.57
N ASN A 704 -4.79 22.83 -8.84
CA ASN A 704 -4.14 23.70 -7.86
C ASN A 704 -4.61 25.14 -8.00
N LEU A 705 -5.93 25.32 -8.02
CA LEU A 705 -6.49 26.66 -8.08
C LEU A 705 -6.43 27.36 -6.73
N THR A 706 -6.46 26.60 -5.64
CA THR A 706 -6.44 27.17 -4.30
C THR A 706 -5.04 27.49 -3.81
N GLU A 707 -4.01 27.17 -4.60
CA GLU A 707 -2.63 27.41 -4.22
C GLU A 707 -1.95 28.46 -5.10
N TRP A 708 -2.68 29.10 -5.99
CA TRP A 708 -2.03 29.91 -7.00
C TRP A 708 -1.09 30.97 -6.43
N PRO A 709 -1.30 31.51 -5.23
CA PRO A 709 -0.24 32.38 -4.68
C PRO A 709 1.09 31.69 -4.55
N TYR A 710 1.09 30.41 -4.14
CA TYR A 710 2.34 29.68 -4.00
C TYR A 710 3.04 29.54 -5.34
N PHE A 711 2.28 29.18 -6.38
CA PHE A 711 2.88 29.06 -7.70
C PHE A 711 3.38 30.40 -8.20
N VAL A 712 2.64 31.48 -7.94
CA VAL A 712 3.08 32.80 -8.38
C VAL A 712 4.43 33.14 -7.77
N VAL A 713 4.53 33.02 -6.44
CA VAL A 713 5.79 33.38 -5.79
C VAL A 713 6.90 32.45 -6.26
N GLY A 714 6.61 31.15 -6.38
CA GLY A 714 7.64 30.20 -6.77
C GLY A 714 8.15 30.44 -8.18
N VAL A 715 7.24 30.71 -9.11
CA VAL A 715 7.64 30.94 -10.49
C VAL A 715 8.40 32.24 -10.61
N PHE A 716 7.99 33.27 -9.85
CA PHE A 716 8.75 34.52 -9.87
C PHE A 716 10.18 34.29 -9.37
N CYS A 717 10.33 33.60 -8.24
CA CYS A 717 11.66 33.36 -7.70
C CYS A 717 12.48 32.48 -8.65
N ALA A 718 11.87 31.48 -9.26
CA ALA A 718 12.59 30.62 -10.18
C ALA A 718 13.03 31.39 -11.42
N ILE A 719 12.17 32.28 -11.93
CA ILE A 719 12.57 33.10 -13.06
C ILE A 719 13.74 33.99 -12.68
N ILE A 720 13.70 34.57 -11.48
CA ILE A 720 14.81 35.41 -11.05
C ILE A 720 16.10 34.60 -10.99
N ASN A 721 16.03 33.39 -10.42
CA ASN A 721 17.22 32.55 -10.32
C ASN A 721 17.75 32.17 -11.69
N GLY A 722 16.85 31.77 -12.59
CA GLY A 722 17.28 31.43 -13.94
C GLY A 722 17.95 32.59 -14.63
N GLY A 723 17.35 33.78 -14.54
CA GLY A 723 17.94 34.94 -15.16
C GLY A 723 19.29 35.29 -14.59
N LEU A 724 19.43 35.23 -13.26
CA LEU A 724 20.72 35.48 -12.64
C LEU A 724 21.73 34.39 -12.94
N GLN A 725 21.29 33.24 -13.43
CA GLN A 725 22.22 32.17 -13.72
C GLN A 725 23.17 32.54 -14.85
N PRO A 726 22.70 32.74 -16.09
CA PRO A 726 23.62 33.22 -17.14
C PRO A 726 24.18 34.61 -16.87
N ALA A 727 23.51 35.40 -16.02
CA ALA A 727 23.98 36.76 -15.77
C ALA A 727 25.44 36.80 -15.34
N PHE A 728 26.01 35.68 -14.93
CA PHE A 728 27.43 35.64 -14.64
C PHE A 728 28.26 36.01 -15.86
N ALA A 729 27.78 35.68 -17.06
CA ALA A 729 28.50 36.04 -18.26
C ALA A 729 28.55 37.55 -18.44
N ILE A 730 27.41 38.22 -18.30
CA ILE A 730 27.39 39.68 -18.39
C ILE A 730 28.24 40.29 -17.30
N ILE A 731 28.20 39.71 -16.09
CA ILE A 731 29.03 40.21 -15.01
C ILE A 731 30.50 40.11 -15.39
N PHE A 732 30.91 38.98 -15.97
CA PHE A 732 32.29 38.80 -16.38
C PHE A 732 32.66 39.80 -17.46
N SER A 733 31.77 40.04 -18.42
CA SER A 733 32.05 41.00 -19.47
C SER A 733 32.27 42.39 -18.89
N LYS A 734 31.39 42.80 -17.97
CA LYS A 734 31.53 44.12 -17.35
C LYS A 734 32.82 44.20 -16.55
N ILE A 735 33.16 43.13 -15.82
CA ILE A 735 34.37 43.14 -15.01
C ILE A 735 35.60 43.24 -15.90
N ILE A 736 35.62 42.50 -17.00
CA ILE A 736 36.75 42.58 -17.92
C ILE A 736 36.87 43.99 -18.49
N GLY A 737 35.73 44.57 -18.89
CA GLY A 737 35.77 45.94 -19.37
C GLY A 737 36.35 46.89 -18.34
N VAL A 738 35.90 46.77 -17.09
CA VAL A 738 36.40 47.65 -16.04
C VAL A 738 37.90 47.46 -15.87
N PHE A 739 38.36 46.21 -15.90
CA PHE A 739 39.79 45.94 -15.75
C PHE A 739 40.60 46.42 -16.95
N THR A 740 39.96 46.61 -18.10
CA THR A 740 40.66 47.06 -19.30
C THR A 740 40.09 48.36 -19.87
N ARG A 741 39.18 49.01 -19.17
CA ARG A 741 38.56 50.23 -19.70
C ARG A 741 39.44 51.45 -19.47
N ILE A 742 39.71 51.76 -18.20
CA ILE A 742 40.39 53.00 -17.83
C ILE A 742 41.78 52.67 -17.31
N ASP A 743 42.64 53.68 -17.31
CA ASP A 743 44.01 53.55 -16.85
C ASP A 743 44.20 53.96 -15.39
N ASP A 744 43.14 54.39 -14.72
CA ASP A 744 43.26 54.89 -13.35
C ASP A 744 43.14 53.72 -12.38
N PRO A 745 44.21 53.37 -11.65
CA PRO A 745 44.07 52.28 -10.66
C PRO A 745 43.07 52.60 -9.57
N GLU A 746 42.92 53.87 -9.18
CA GLU A 746 41.93 54.23 -8.17
C GLU A 746 40.52 54.01 -8.69
N THR A 747 40.25 54.43 -9.93
CA THR A 747 38.95 54.19 -10.52
C THR A 747 38.70 52.69 -10.67
N LYS A 748 39.73 51.94 -11.07
CA LYS A 748 39.58 50.49 -11.18
C LYS A 748 39.24 49.88 -9.83
N ARG A 749 39.90 50.35 -8.76
CA ARG A 749 39.61 49.83 -7.43
C ARG A 749 38.18 50.15 -7.01
N GLN A 750 37.72 51.37 -7.29
CA GLN A 750 36.35 51.72 -6.96
C GLN A 750 35.36 50.84 -7.71
N ASN A 751 35.60 50.63 -9.00
CA ASN A 751 34.70 49.79 -9.79
C ASN A 751 34.71 48.36 -9.28
N SER A 752 35.88 47.83 -8.94
CA SER A 752 35.96 46.47 -8.41
C SER A 752 35.22 46.35 -7.09
N ASN A 753 35.36 47.35 -6.21
CA ASN A 753 34.62 47.32 -4.95
C ASN A 753 33.12 47.34 -5.19
N LEU A 754 32.67 48.18 -6.12
CA LEU A 754 31.24 48.22 -6.45
C LEU A 754 30.77 46.87 -6.96
N PHE A 755 31.55 46.25 -7.85
CA PHE A 755 31.16 44.95 -8.41
C PHE A 755 31.10 43.89 -7.31
N SER A 756 32.07 43.89 -6.40
CA SER A 756 32.07 42.92 -5.32
C SER A 756 30.85 43.10 -4.42
N LEU A 757 30.52 44.35 -4.09
CA LEU A 757 29.33 44.59 -3.29
C LEU A 757 28.07 44.12 -4.02
N LEU A 758 28.02 44.37 -5.32
CA LEU A 758 26.89 43.90 -6.11
C LEU A 758 26.80 42.38 -6.07
N PHE A 759 27.94 41.69 -6.15
CA PHE A 759 27.92 40.24 -6.09
C PHE A 759 27.43 39.75 -4.74
N LEU A 760 27.88 40.38 -3.65
CA LEU A 760 27.43 39.97 -2.33
C LEU A 760 25.92 40.16 -2.17
N ALA A 761 25.41 41.31 -2.62
CA ALA A 761 23.97 41.53 -2.56
C ALA A 761 23.23 40.53 -3.43
N LEU A 762 23.78 40.20 -4.60
CA LEU A 762 23.19 39.19 -5.45
C LEU A 762 23.13 37.85 -4.73
N GLY A 763 24.18 37.52 -3.97
CA GLY A 763 24.16 36.27 -3.22
C GLY A 763 23.11 36.24 -2.14
N ILE A 764 22.97 37.33 -1.40
CA ILE A 764 21.92 37.38 -0.36
C ILE A 764 20.55 37.24 -1.01
N ILE A 765 20.31 37.99 -2.09
CA ILE A 765 19.02 37.93 -2.76
C ILE A 765 18.78 36.53 -3.32
N SER A 766 19.84 35.88 -3.80
CA SER A 766 19.71 34.53 -4.31
C SER A 766 19.34 33.55 -3.20
N PHE A 767 19.94 33.71 -2.02
CA PHE A 767 19.53 32.90 -0.88
C PHE A 767 18.04 33.06 -0.63
N ILE A 768 17.58 34.30 -0.55
CA ILE A 768 16.18 34.54 -0.23
C ILE A 768 15.28 33.94 -1.30
N THR A 769 15.62 34.17 -2.58
CA THR A 769 14.78 33.70 -3.67
C THR A 769 14.78 32.18 -3.75
N PHE A 770 15.94 31.55 -3.61
CA PHE A 770 16.01 30.10 -3.64
C PHE A 770 15.14 29.50 -2.55
N PHE A 771 15.29 29.97 -1.31
CA PHE A 771 14.47 29.40 -0.26
C PHE A 771 13.00 29.64 -0.54
N LEU A 772 12.64 30.86 -0.97
CA LEU A 772 11.24 31.16 -1.19
C LEU A 772 10.65 30.22 -2.24
N GLN A 773 11.30 30.10 -3.39
CA GLN A 773 10.76 29.28 -4.47
C GLN A 773 10.74 27.80 -4.09
N GLY A 774 11.85 27.29 -3.57
CA GLY A 774 11.88 25.89 -3.19
C GLY A 774 10.81 25.57 -2.16
N PHE A 775 10.69 26.40 -1.13
CA PHE A 775 9.70 26.14 -0.08
C PHE A 775 8.29 26.22 -0.62
N THR A 776 7.98 27.25 -1.40
CA THR A 776 6.61 27.39 -1.88
C THR A 776 6.24 26.20 -2.75
N PHE A 777 7.14 25.76 -3.63
CA PHE A 777 6.80 24.62 -4.47
C PHE A 777 6.71 23.34 -3.66
N GLY A 778 7.56 23.18 -2.65
CA GLY A 778 7.48 21.99 -1.81
C GLY A 778 6.18 21.94 -1.04
N LYS A 779 5.79 23.06 -0.43
CA LYS A 779 4.52 23.11 0.29
C LYS A 779 3.35 22.91 -0.66
N ALA A 780 3.42 23.49 -1.86
CA ALA A 780 2.36 23.28 -2.83
C ALA A 780 2.24 21.82 -3.19
N GLY A 781 3.36 21.15 -3.45
CA GLY A 781 3.32 19.74 -3.75
C GLY A 781 2.73 18.92 -2.62
N GLU A 782 3.17 19.21 -1.39
CA GLU A 782 2.68 18.43 -0.25
C GLU A 782 1.18 18.62 -0.08
N ILE A 783 0.71 19.87 -0.14
CA ILE A 783 -0.72 20.12 0.05
C ILE A 783 -1.52 19.49 -1.08
N LEU A 784 -1.06 19.63 -2.31
CA LEU A 784 -1.77 19.04 -3.43
C LEU A 784 -1.84 17.52 -3.29
N THR A 785 -0.74 16.89 -2.90
CA THR A 785 -0.74 15.44 -2.75
C THR A 785 -1.68 15.01 -1.63
N LYS A 786 -1.69 15.73 -0.51
CA LYS A 786 -2.60 15.37 0.56
C LYS A 786 -4.05 15.50 0.11
N ARG A 787 -4.37 16.59 -0.60
CA ARG A 787 -5.73 16.76 -1.09
C ARG A 787 -6.08 15.65 -2.07
N LEU A 788 -5.14 15.26 -2.93
CA LEU A 788 -5.41 14.19 -3.88
C LEU A 788 -5.68 12.88 -3.15
N ARG A 789 -4.87 12.56 -2.14
CA ARG A 789 -5.09 11.34 -1.37
C ARG A 789 -6.46 11.35 -0.72
N TYR A 790 -6.80 12.45 -0.04
CA TYR A 790 -8.09 12.52 0.63
C TYR A 790 -9.23 12.38 -0.36
N MET A 791 -9.14 13.09 -1.49
CA MET A 791 -10.21 13.04 -2.47
C MET A 791 -10.37 11.64 -3.04
N VAL A 792 -9.25 10.98 -3.37
CA VAL A 792 -9.36 9.65 -3.96
C VAL A 792 -9.91 8.66 -2.95
N PHE A 793 -9.48 8.74 -1.69
CA PHE A 793 -10.01 7.83 -0.70
C PHE A 793 -11.50 8.06 -0.50
N ARG A 794 -11.93 9.31 -0.45
CA ARG A 794 -13.34 9.60 -0.30
C ARG A 794 -14.13 9.07 -1.49
N SER A 795 -13.58 9.22 -2.69
CA SER A 795 -14.26 8.70 -3.87
C SER A 795 -14.37 7.18 -3.81
N MET A 796 -13.30 6.50 -3.39
CA MET A 796 -13.37 5.05 -3.27
C MET A 796 -14.43 4.64 -2.26
N LEU A 797 -14.51 5.34 -1.14
CA LEU A 797 -15.57 5.06 -0.18
C LEU A 797 -16.93 5.28 -0.81
N ARG A 798 -17.07 6.32 -1.63
CA ARG A 798 -18.35 6.58 -2.27
C ARG A 798 -18.79 5.41 -3.13
N GLN A 799 -17.87 4.83 -3.89
CA GLN A 799 -18.23 3.80 -4.85
C GLN A 799 -19.04 2.71 -4.19
N ASP A 800 -19.90 2.06 -4.99
CA ASP A 800 -20.82 1.06 -4.47
C ASP A 800 -20.11 -0.26 -4.24
N VAL A 801 -20.77 -1.15 -3.50
CA VAL A 801 -20.20 -2.46 -3.23
C VAL A 801 -20.02 -3.23 -4.53
N SER A 802 -21.01 -3.16 -5.42
CA SER A 802 -20.92 -3.90 -6.68
C SER A 802 -19.60 -3.62 -7.38
N TRP A 803 -19.15 -2.36 -7.34
CA TRP A 803 -17.86 -2.02 -7.92
C TRP A 803 -16.73 -2.78 -7.24
N PHE A 804 -16.86 -3.04 -5.94
CA PHE A 804 -15.83 -3.82 -5.25
C PHE A 804 -15.83 -5.27 -5.69
N ASP A 805 -16.88 -5.74 -6.36
CA ASP A 805 -16.93 -7.12 -6.80
C ASP A 805 -15.90 -7.40 -7.89
N ASP A 806 -15.71 -6.46 -8.81
CA ASP A 806 -14.85 -6.72 -9.97
C ASP A 806 -13.46 -7.12 -9.49
N PRO A 807 -12.87 -8.17 -10.05
CA PRO A 807 -11.58 -8.64 -9.52
C PRO A 807 -10.48 -7.60 -9.62
N LYS A 808 -10.59 -6.63 -10.53
CA LYS A 808 -9.61 -5.57 -10.57
C LYS A 808 -9.60 -4.77 -9.28
N ASN A 809 -10.78 -4.51 -8.72
CA ASN A 809 -10.90 -3.71 -7.51
C ASN A 809 -10.92 -4.65 -6.30
N THR A 810 -9.73 -4.99 -5.81
CA THR A 810 -9.57 -5.73 -4.57
C THR A 810 -8.72 -4.90 -3.61
N THR A 811 -8.91 -5.17 -2.31
CA THR A 811 -8.40 -4.29 -1.28
C THR A 811 -6.92 -3.98 -1.49
N GLY A 812 -6.11 -5.01 -1.70
CA GLY A 812 -4.70 -4.79 -1.96
C GLY A 812 -4.49 -3.91 -3.19
N ALA A 813 -5.22 -4.20 -4.26
CA ALA A 813 -5.12 -3.37 -5.45
C ALA A 813 -5.42 -1.93 -5.13
N LEU A 814 -6.50 -1.68 -4.38
CA LEU A 814 -6.90 -0.31 -4.11
C LEU A 814 -5.86 0.42 -3.27
N THR A 815 -5.36 -0.22 -2.21
CA THR A 815 -4.39 0.46 -1.37
C THR A 815 -3.10 0.74 -2.12
N THR A 816 -2.62 -0.22 -2.92
CA THR A 816 -1.45 0.04 -3.73
C THR A 816 -1.72 1.15 -4.73
N ARG A 817 -2.95 1.18 -5.27
CA ARG A 817 -3.32 2.24 -6.21
C ARG A 817 -3.18 3.60 -5.56
N LEU A 818 -3.70 3.75 -4.36
CA LEU A 818 -3.50 5.00 -3.62
C LEU A 818 -2.00 5.31 -3.51
N ALA A 819 -1.27 4.41 -2.84
CA ALA A 819 0.10 4.70 -2.49
C ALA A 819 0.98 4.95 -3.70
N ASN A 820 0.59 4.45 -4.87
CA ASN A 820 1.38 4.64 -6.09
C ASN A 820 0.96 5.91 -6.82
N ASP A 821 -0.33 6.02 -7.14
CA ASP A 821 -0.78 7.17 -7.93
C ASP A 821 -0.47 8.49 -7.22
N ALA A 822 -0.82 8.59 -5.94
CA ALA A 822 -0.60 9.85 -5.25
C ALA A 822 0.89 10.19 -5.21
N ALA A 823 1.72 9.21 -4.89
CA ALA A 823 3.15 9.48 -4.79
C ALA A 823 3.73 9.89 -6.14
N GLN A 824 3.28 9.25 -7.22
CA GLN A 824 3.79 9.60 -8.54
C GLN A 824 3.42 11.04 -8.91
N VAL A 825 2.16 11.41 -8.67
CA VAL A 825 1.76 12.78 -8.97
C VAL A 825 2.59 13.75 -8.16
N LYS A 826 2.83 13.43 -6.88
CA LYS A 826 3.71 14.28 -6.09
C LYS A 826 5.07 14.41 -6.75
N GLY A 827 5.66 13.28 -7.12
CA GLY A 827 7.00 13.32 -7.68
C GLY A 827 7.09 14.19 -8.90
N ALA A 828 6.00 14.29 -9.67
CA ALA A 828 6.01 15.15 -10.85
C ALA A 828 5.52 16.57 -10.56
N ILE A 829 5.00 16.84 -9.37
CA ILE A 829 4.54 18.18 -9.00
C ILE A 829 5.30 18.76 -7.82
N GLY A 830 6.21 18.00 -7.22
CA GLY A 830 6.95 18.47 -6.07
C GLY A 830 8.09 19.38 -6.45
N SER A 831 9.14 19.38 -5.63
CA SER A 831 10.28 20.25 -5.87
C SER A 831 10.95 19.96 -7.21
N ARG A 832 10.73 18.77 -7.77
CA ARG A 832 11.25 18.50 -9.10
C ARG A 832 10.71 19.50 -10.12
N LEU A 833 9.43 19.81 -10.03
CA LEU A 833 8.88 20.84 -10.89
C LEU A 833 9.52 22.19 -10.62
N ALA A 834 9.86 22.47 -9.37
CA ALA A 834 10.55 23.72 -9.06
C ALA A 834 11.88 23.79 -9.79
N VAL A 835 12.69 22.73 -9.69
CA VAL A 835 13.99 22.73 -10.33
C VAL A 835 13.83 22.80 -11.85
N ILE A 836 12.80 22.15 -12.39
CA ILE A 836 12.61 22.18 -13.83
C ILE A 836 12.23 23.57 -14.29
N THR A 837 11.38 24.26 -13.52
CA THR A 837 11.06 25.64 -13.88
C THR A 837 12.30 26.52 -13.80
N GLN A 838 13.14 26.29 -12.79
CA GLN A 838 14.39 27.04 -12.69
C GLN A 838 15.26 26.79 -13.92
N ASN A 839 15.38 25.53 -14.34
CA ASN A 839 16.24 25.22 -15.49
C ASN A 839 15.67 25.76 -16.78
N ILE A 840 14.35 25.70 -16.96
CA ILE A 840 13.76 26.22 -18.19
C ILE A 840 13.90 27.73 -18.24
N ALA A 841 13.77 28.40 -17.09
CA ALA A 841 14.04 29.83 -17.06
C ALA A 841 15.51 30.11 -17.40
N ASN A 842 16.42 29.27 -16.90
CA ASN A 842 17.83 29.41 -17.24
C ASN A 842 18.04 29.31 -18.75
N LEU A 843 17.46 28.30 -19.37
CA LEU A 843 17.61 28.14 -20.81
C LEU A 843 16.99 29.31 -21.55
N GLY A 844 15.81 29.76 -21.12
CA GLY A 844 15.17 30.87 -21.79
C GLY A 844 15.98 32.14 -21.72
N THR A 845 16.49 32.48 -20.54
CA THR A 845 17.28 33.70 -20.43
C THR A 845 18.62 33.57 -21.14
N GLY A 846 19.18 32.36 -21.20
CA GLY A 846 20.37 32.17 -22.01
C GLY A 846 20.12 32.43 -23.48
N ILE A 847 18.99 31.94 -24.00
CA ILE A 847 18.66 32.20 -25.40
C ILE A 847 18.38 33.68 -25.60
N ILE A 848 17.72 34.33 -24.63
CA ILE A 848 17.44 35.75 -24.75
C ILE A 848 18.75 36.53 -24.82
N ILE A 849 19.71 36.18 -23.95
CA ILE A 849 21.00 36.86 -23.96
C ILE A 849 21.71 36.63 -25.30
N SER A 850 21.68 35.39 -25.79
CA SER A 850 22.32 35.10 -27.07
C SER A 850 21.72 35.94 -28.18
N PHE A 851 20.39 36.00 -28.24
CA PHE A 851 19.73 36.77 -29.30
C PHE A 851 20.03 38.26 -29.16
N ILE A 852 19.98 38.80 -27.94
CA ILE A 852 20.18 40.23 -27.75
C ILE A 852 21.60 40.62 -28.10
N TYR A 853 22.58 39.92 -27.53
CA TYR A 853 23.97 40.25 -27.79
C TYR A 853 24.42 39.80 -29.17
N GLY A 854 23.90 38.68 -29.65
CA GLY A 854 24.27 38.18 -30.96
C GLY A 854 23.05 37.82 -31.78
N TRP A 855 23.19 37.97 -33.09
CA TRP A 855 22.19 37.52 -34.05
C TRP A 855 22.89 36.75 -35.15
N GLN A 856 22.17 35.80 -35.74
CA GLN A 856 22.69 34.84 -36.71
C GLN A 856 23.43 33.73 -35.98
N LEU A 857 23.52 33.77 -34.66
CA LEU A 857 24.15 32.73 -33.86
C LEU A 857 23.15 31.97 -33.02
N THR A 858 22.31 32.68 -32.26
CA THR A 858 21.29 32.00 -31.48
C THR A 858 20.33 31.23 -32.37
N LEU A 859 20.15 31.68 -33.61
CA LEU A 859 19.30 30.97 -34.55
C LEU A 859 19.84 29.56 -34.80
N LEU A 860 21.17 29.39 -34.78
CA LEU A 860 21.74 28.06 -34.91
C LEU A 860 21.25 27.12 -33.82
N LEU A 861 21.36 27.54 -32.57
CA LEU A 861 20.90 26.71 -31.46
C LEU A 861 19.40 26.49 -31.53
N LEU A 862 18.64 27.53 -31.87
CA LEU A 862 17.20 27.40 -31.97
C LEU A 862 16.82 26.36 -33.03
N ALA A 863 17.49 26.38 -34.18
CA ALA A 863 17.26 25.39 -35.22
C ALA A 863 17.84 24.03 -34.88
N ILE A 864 18.70 23.94 -33.86
CA ILE A 864 19.16 22.63 -33.36
C ILE A 864 18.27 22.07 -32.27
N VAL A 865 17.36 22.87 -31.72
CA VAL A 865 16.36 22.41 -30.76
C VAL A 865 15.40 21.36 -31.34
N PRO A 866 14.99 21.45 -32.60
CA PRO A 866 13.94 20.55 -33.09
C PRO A 866 14.23 19.07 -32.89
N ILE A 867 15.49 18.65 -33.02
CA ILE A 867 15.81 17.25 -32.74
C ILE A 867 15.55 16.94 -31.28
N ILE A 868 15.84 17.89 -30.39
CA ILE A 868 15.51 17.71 -28.98
C ILE A 868 14.01 17.52 -28.82
N ALA A 869 13.23 18.35 -29.50
CA ALA A 869 11.77 18.24 -29.40
C ALA A 869 11.30 16.86 -29.82
N ILE A 870 11.78 16.39 -30.96
CA ILE A 870 11.32 15.09 -31.48
C ILE A 870 11.77 13.96 -30.56
N ALA A 871 13.00 14.02 -30.06
CA ALA A 871 13.49 12.98 -29.17
C ALA A 871 12.69 12.94 -27.88
N GLY A 872 12.37 14.10 -27.32
CA GLY A 872 11.52 14.12 -26.14
C GLY A 872 10.15 13.54 -26.41
N VAL A 873 9.58 13.85 -27.57
CA VAL A 873 8.28 13.30 -27.91
C VAL A 873 8.35 11.78 -27.97
N VAL A 874 9.40 11.25 -28.60
CA VAL A 874 9.54 9.80 -28.72
C VAL A 874 9.69 9.16 -27.35
N GLU A 875 10.54 9.74 -26.50
CA GLU A 875 10.76 9.18 -25.18
C GLU A 875 9.47 9.16 -24.37
N MET A 876 8.72 10.26 -24.39
CA MET A 876 7.45 10.29 -23.68
C MET A 876 6.48 9.26 -24.25
N LYS A 877 6.43 9.13 -25.58
CA LYS A 877 5.48 8.20 -26.18
C LYS A 877 5.79 6.77 -25.75
N MET A 878 7.06 6.41 -25.69
CA MET A 878 7.42 5.06 -25.26
C MET A 878 7.16 4.87 -23.77
N LEU A 879 7.57 5.82 -22.95
CA LEU A 879 7.47 5.64 -21.52
C LEU A 879 6.04 5.71 -21.02
N SER A 880 5.13 6.36 -21.75
CA SER A 880 3.73 6.34 -21.34
C SER A 880 3.21 4.91 -21.29
N GLY A 881 3.37 4.16 -22.38
CA GLY A 881 2.94 2.78 -22.38
C GLY A 881 3.72 1.94 -21.40
N GLN A 882 5.04 2.14 -21.33
CA GLN A 882 5.84 1.37 -20.39
C GLN A 882 5.31 1.54 -18.97
N ALA A 883 5.05 2.78 -18.57
CA ALA A 883 4.61 3.05 -17.20
C ALA A 883 3.19 2.58 -16.98
N LEU A 884 2.31 2.65 -17.98
CA LEU A 884 0.96 2.11 -17.81
C LEU A 884 1.02 0.62 -17.52
N LYS A 885 1.81 -0.12 -18.31
CA LYS A 885 1.95 -1.54 -18.05
C LYS A 885 2.53 -1.80 -16.67
N ASP A 886 3.57 -1.04 -16.31
CA ASP A 886 4.19 -1.24 -15.01
C ASP A 886 3.19 -0.97 -13.88
N LYS A 887 2.34 0.04 -14.05
CA LYS A 887 1.39 0.38 -13.02
C LYS A 887 0.35 -0.73 -12.85
N LYS A 888 -0.16 -1.26 -13.95
CA LYS A 888 -1.11 -2.37 -13.83
C LYS A 888 -0.45 -3.57 -13.15
N GLU A 889 0.78 -3.89 -13.52
CA GLU A 889 1.47 -5.00 -12.89
C GLU A 889 1.67 -4.76 -11.40
N LEU A 890 2.02 -3.52 -11.03
CA LEU A 890 2.21 -3.20 -9.62
C LEU A 890 0.90 -3.32 -8.86
N GLU A 891 -0.21 -2.90 -9.45
CA GLU A 891 -1.50 -3.08 -8.80
C GLU A 891 -1.78 -4.55 -8.55
N GLY A 892 -1.50 -5.40 -9.55
CA GLY A 892 -1.68 -6.84 -9.33
C GLY A 892 -0.80 -7.36 -8.22
N SER A 893 0.46 -6.95 -8.18
CA SER A 893 1.37 -7.41 -7.15
C SER A 893 0.90 -6.97 -5.77
N GLY A 894 0.42 -5.74 -5.67
CA GLY A 894 -0.13 -5.27 -4.41
C GLY A 894 -1.34 -6.09 -3.99
N LYS A 895 -2.18 -6.45 -4.95
CA LYS A 895 -3.31 -7.33 -4.65
C LYS A 895 -2.81 -8.62 -4.01
N ILE A 896 -1.81 -9.23 -4.63
CA ILE A 896 -1.30 -10.50 -4.11
C ILE A 896 -0.72 -10.33 -2.72
N ALA A 897 0.07 -9.28 -2.51
CA ALA A 897 0.70 -9.07 -1.22
C ALA A 897 -0.34 -8.83 -0.13
N THR A 898 -1.34 -7.99 -0.41
CA THR A 898 -2.37 -7.72 0.58
C THR A 898 -3.19 -8.95 0.86
N GLU A 899 -3.49 -9.75 -0.17
CA GLU A 899 -4.23 -10.98 0.06
C GLU A 899 -3.44 -11.90 0.99
N ALA A 900 -2.13 -12.01 0.76
CA ALA A 900 -1.32 -12.86 1.63
C ALA A 900 -1.34 -12.33 3.07
N ILE A 901 -1.04 -11.05 3.25
CA ILE A 901 -0.83 -10.53 4.60
C ILE A 901 -2.15 -10.47 5.37
N GLU A 902 -3.23 -10.05 4.71
CA GLU A 902 -4.50 -9.91 5.40
C GLU A 902 -5.01 -11.25 5.91
N ASN A 903 -4.85 -12.31 5.10
CA ASN A 903 -5.23 -13.66 5.49
C ASN A 903 -4.01 -14.46 5.95
N PHE A 904 -3.08 -13.80 6.65
CA PHE A 904 -1.79 -14.42 6.93
C PHE A 904 -1.94 -15.71 7.72
N ARG A 905 -2.90 -15.75 8.66
CA ARG A 905 -3.06 -16.95 9.46
C ARG A 905 -3.30 -18.17 8.58
N THR A 906 -4.20 -18.05 7.62
CA THR A 906 -4.55 -19.19 6.78
C THR A 906 -3.35 -19.65 5.96
N VAL A 907 -2.64 -18.71 5.33
CA VAL A 907 -1.52 -19.09 4.49
C VAL A 907 -0.43 -19.75 5.33
N VAL A 908 -0.19 -19.23 6.54
CA VAL A 908 0.78 -19.87 7.41
C VAL A 908 0.33 -21.28 7.75
N SER A 909 -0.96 -21.45 8.04
CA SER A 909 -1.47 -22.77 8.39
C SER A 909 -1.31 -23.75 7.24
N LEU A 910 -1.49 -23.28 6.01
CA LEU A 910 -1.36 -24.13 4.83
C LEU A 910 0.07 -24.20 4.31
N THR A 911 1.00 -23.43 4.88
CA THR A 911 2.39 -23.41 4.43
C THR A 911 2.48 -23.08 2.95
N GLN A 912 1.55 -22.26 2.45
CA GLN A 912 1.62 -21.76 1.09
C GLN A 912 2.42 -20.47 0.99
N GLU A 913 3.31 -20.22 1.95
CA GLU A 913 4.14 -19.03 1.89
C GLU A 913 5.04 -19.06 0.67
N GLN A 914 5.65 -20.20 0.38
CA GLN A 914 6.52 -20.29 -0.79
C GLN A 914 5.75 -20.04 -2.08
N LYS A 915 4.54 -20.60 -2.18
CA LYS A 915 3.74 -20.37 -3.38
C LYS A 915 3.42 -18.89 -3.53
N PHE A 916 3.11 -18.20 -2.43
CA PHE A 916 2.82 -16.78 -2.51
C PHE A 916 4.05 -15.98 -2.89
N GLU A 917 5.22 -16.36 -2.37
CA GLU A 917 6.45 -15.68 -2.75
C GLU A 917 6.71 -15.85 -4.24
N HIS A 918 6.48 -17.06 -4.77
CA HIS A 918 6.63 -17.26 -6.20
C HIS A 918 5.63 -16.42 -6.99
N MET A 919 4.39 -16.34 -6.53
CA MET A 919 3.41 -15.52 -7.21
C MET A 919 3.85 -14.07 -7.24
N TYR A 920 4.34 -13.57 -6.11
CA TYR A 920 4.77 -12.18 -6.03
C TYR A 920 5.95 -11.92 -6.96
N ALA A 921 6.92 -12.83 -6.97
CA ALA A 921 8.07 -12.66 -7.86
C ALA A 921 7.63 -12.68 -9.31
N GLN A 922 6.74 -13.60 -9.67
CA GLN A 922 6.26 -13.67 -11.04
C GLN A 922 5.53 -12.39 -11.43
N SER A 923 4.73 -11.85 -10.52
CA SER A 923 4.04 -10.60 -10.81
C SER A 923 5.03 -9.45 -10.99
N LEU A 924 6.07 -9.40 -10.16
CA LEU A 924 7.08 -8.35 -10.29
C LEU A 924 7.94 -8.53 -11.53
N GLN A 925 7.99 -9.73 -12.10
CA GLN A 925 8.85 -9.97 -13.26
C GLN A 925 8.64 -8.91 -14.33
N VAL A 926 7.38 -8.63 -14.67
CA VAL A 926 7.09 -7.66 -15.72
C VAL A 926 7.66 -6.28 -15.38
N PRO A 927 7.37 -5.69 -14.22
CA PRO A 927 7.99 -4.41 -13.89
C PRO A 927 9.51 -4.45 -13.92
N TYR A 928 10.13 -5.58 -13.60
CA TYR A 928 11.60 -5.63 -13.58
C TYR A 928 12.17 -5.45 -14.98
N ARG A 929 11.64 -6.22 -15.94
CA ARG A 929 12.09 -6.05 -17.32
C ARG A 929 11.74 -4.67 -17.84
N ASN A 930 10.55 -4.16 -17.49
CA ASN A 930 10.19 -2.83 -17.93
C ASN A 930 11.14 -1.79 -17.35
N SER A 931 11.56 -1.97 -16.10
CA SER A 931 12.50 -1.05 -15.48
C SER A 931 13.85 -1.09 -16.17
N LEU A 932 14.36 -2.28 -16.49
CA LEU A 932 15.61 -2.36 -17.24
C LEU A 932 15.47 -1.68 -18.58
N ARG A 933 14.35 -1.89 -19.26
CA ARG A 933 14.13 -1.25 -20.55
C ARG A 933 14.09 0.26 -20.41
N LYS A 934 13.41 0.77 -19.38
CA LYS A 934 13.40 2.21 -19.13
C LYS A 934 14.80 2.72 -18.82
N ALA A 935 15.61 1.93 -18.12
CA ALA A 935 16.99 2.33 -17.87
C ALA A 935 17.71 2.60 -19.18
N HIS A 936 17.63 1.64 -20.10
CA HIS A 936 18.30 1.83 -21.40
C HIS A 936 17.70 3.00 -22.16
N ILE A 937 16.38 3.14 -22.13
CA ILE A 937 15.72 4.19 -22.90
C ILE A 937 16.13 5.57 -22.39
N PHE A 938 16.07 5.76 -21.08
CA PHE A 938 16.41 7.05 -20.51
C PHE A 938 17.90 7.33 -20.66
N GLY A 939 18.74 6.30 -20.57
CA GLY A 939 20.15 6.51 -20.87
C GLY A 939 20.33 7.05 -22.28
N ILE A 940 19.65 6.44 -23.25
CA ILE A 940 19.74 6.93 -24.62
C ILE A 940 19.31 8.39 -24.68
N THR A 941 18.14 8.69 -24.11
CA THR A 941 17.59 10.04 -24.24
C THR A 941 18.54 11.07 -23.63
N PHE A 942 18.95 10.85 -22.38
CA PHE A 942 19.77 11.82 -21.69
C PHE A 942 21.12 11.98 -22.38
N SER A 943 21.80 10.87 -22.67
CA SER A 943 23.12 10.97 -23.28
C SER A 943 23.05 11.64 -24.64
N PHE A 944 22.06 11.27 -25.45
CA PHE A 944 21.94 11.88 -26.76
C PHE A 944 21.67 13.37 -26.64
N THR A 945 20.79 13.78 -25.72
CA THR A 945 20.49 15.19 -25.58
C THR A 945 21.73 15.97 -25.18
N GLN A 946 22.48 15.46 -24.20
CA GLN A 946 23.69 16.14 -23.79
C GLN A 946 24.69 16.23 -24.93
N ALA A 947 24.87 15.13 -25.66
CA ALA A 947 25.83 15.13 -26.77
C ALA A 947 25.42 16.11 -27.85
N MET A 948 24.12 16.15 -28.18
CA MET A 948 23.66 17.08 -29.20
C MET A 948 23.84 18.51 -28.73
N MET A 949 23.62 18.77 -27.45
CA MET A 949 23.84 20.12 -26.94
C MET A 949 25.30 20.51 -27.07
N TYR A 950 26.21 19.60 -26.74
CA TYR A 950 27.63 19.94 -26.86
C TYR A 950 28.05 20.11 -28.31
N PHE A 951 27.49 19.29 -29.21
CA PHE A 951 27.77 19.48 -30.63
C PHE A 951 27.26 20.84 -31.08
N SER A 952 26.09 21.26 -30.59
CA SER A 952 25.57 22.57 -30.93
C SER A 952 26.50 23.67 -30.42
N TYR A 953 27.02 23.49 -29.20
CA TYR A 953 27.96 24.48 -28.67
C TYR A 953 29.21 24.56 -29.54
N ALA A 954 29.76 23.41 -29.92
CA ALA A 954 30.96 23.41 -30.76
C ALA A 954 30.68 24.06 -32.11
N GLY A 955 29.53 23.73 -32.71
CA GLY A 955 29.19 24.30 -33.99
C GLY A 955 28.97 25.80 -33.91
N CYS A 956 28.32 26.25 -32.84
CA CYS A 956 28.13 27.69 -32.64
C CYS A 956 29.47 28.39 -32.48
N PHE A 957 30.40 27.76 -31.76
CA PHE A 957 31.72 28.37 -31.62
C PHE A 957 32.43 28.45 -32.96
N ARG A 958 32.38 27.38 -33.76
CA ARG A 958 33.03 27.42 -35.06
C ARG A 958 32.39 28.46 -35.96
N PHE A 959 31.07 28.53 -35.96
CA PHE A 959 30.36 29.52 -36.76
C PHE A 959 30.72 30.93 -36.31
N GLY A 960 30.82 31.15 -35.00
CA GLY A 960 31.20 32.45 -34.51
C GLY A 960 32.62 32.82 -34.92
N ALA A 961 33.52 31.84 -34.90
CA ALA A 961 34.88 32.10 -35.36
C ALA A 961 34.86 32.48 -36.84
N TYR A 962 34.07 31.78 -37.64
CA TYR A 962 33.98 32.10 -39.06
C TYR A 962 33.43 33.50 -39.26
N LEU A 963 32.41 33.87 -38.48
CA LEU A 963 31.85 35.21 -38.59
C LEU A 963 32.85 36.28 -38.16
N VAL A 964 33.60 36.02 -37.09
CA VAL A 964 34.60 36.98 -36.64
C VAL A 964 35.65 37.18 -37.72
N ALA A 965 36.15 36.08 -38.28
CA ALA A 965 37.04 36.19 -39.44
C ALA A 965 36.36 36.97 -40.56
N HIS A 966 35.04 36.84 -40.67
CA HIS A 966 34.27 37.63 -41.62
C HIS A 966 34.09 39.07 -41.16
N LYS A 967 34.56 39.41 -39.96
CA LYS A 967 34.41 40.77 -39.44
C LYS A 967 32.94 41.14 -39.32
N LEU A 968 32.15 40.23 -38.77
CA LEU A 968 30.73 40.43 -38.56
C LEU A 968 30.33 40.40 -37.09
N MET A 969 31.25 40.12 -36.18
CA MET A 969 30.93 40.09 -34.75
C MET A 969 32.22 40.23 -33.96
N SER A 970 32.20 41.12 -32.97
CA SER A 970 33.35 41.28 -32.09
C SER A 970 33.57 40.01 -31.27
N PHE A 971 34.84 39.72 -30.99
CA PHE A 971 35.16 38.46 -30.33
C PHE A 971 34.58 38.40 -28.92
N GLU A 972 34.58 39.53 -28.22
CA GLU A 972 34.04 39.54 -26.86
C GLU A 972 32.58 39.10 -26.86
N ASP A 973 31.79 39.56 -27.83
CA ASP A 973 30.40 39.15 -27.92
C ASP A 973 30.28 37.64 -28.12
N VAL A 974 31.11 37.09 -28.99
CA VAL A 974 31.06 35.64 -29.25
C VAL A 974 31.41 34.88 -27.97
N LEU A 975 32.44 35.33 -27.27
CA LEU A 975 32.82 34.66 -26.03
C LEU A 975 31.70 34.72 -25.01
N LEU A 976 31.05 35.87 -24.87
CA LEU A 976 29.95 36.00 -23.93
C LEU A 976 28.81 35.05 -24.30
N VAL A 977 28.47 34.98 -25.59
CA VAL A 977 27.38 34.11 -26.00
C VAL A 977 27.74 32.65 -25.73
N PHE A 978 28.99 32.27 -25.99
CA PHE A 978 29.42 30.90 -25.69
C PHE A 978 29.34 30.62 -24.20
N SER A 979 29.69 31.59 -23.37
CA SER A 979 29.57 31.43 -21.93
C SER A 979 28.11 31.19 -21.54
N ALA A 980 27.20 31.99 -22.11
CA ALA A 980 25.78 31.80 -21.82
C ALA A 980 25.31 30.41 -22.25
N VAL A 981 25.76 29.98 -23.43
CA VAL A 981 25.31 28.68 -23.94
C VAL A 981 25.84 27.54 -23.09
N VAL A 982 27.08 27.65 -22.61
CA VAL A 982 27.61 26.58 -21.78
C VAL A 982 26.89 26.55 -20.42
N PHE A 983 26.58 27.73 -19.88
CA PHE A 983 25.78 27.74 -18.65
C PHE A 983 24.43 27.06 -18.87
N GLY A 984 23.78 27.38 -19.99
CA GLY A 984 22.52 26.71 -20.31
C GLY A 984 22.68 25.21 -20.51
N ALA A 985 23.82 24.79 -21.08
CA ALA A 985 24.07 23.37 -21.25
C ALA A 985 24.21 22.67 -19.92
N MET A 986 24.90 23.31 -18.96
CA MET A 986 24.94 22.76 -17.62
C MET A 986 23.54 22.69 -17.03
N ALA A 987 22.73 23.73 -17.27
CA ALA A 987 21.39 23.77 -16.69
C ALA A 987 20.50 22.66 -17.23
N VAL A 988 20.57 22.39 -18.54
CA VAL A 988 19.59 21.53 -19.20
C VAL A 988 19.73 20.08 -18.73
N GLY A 989 20.69 19.80 -17.87
CA GLY A 989 20.87 18.45 -17.40
C GLY A 989 19.72 17.90 -16.57
N GLN A 990 18.78 18.76 -16.16
CA GLN A 990 17.70 18.35 -15.27
C GLN A 990 16.42 17.99 -15.99
N VAL A 991 16.15 18.57 -17.15
CA VAL A 991 14.91 18.27 -17.86
C VAL A 991 14.85 16.80 -18.26
N SER A 992 15.97 16.26 -18.74
CA SER A 992 16.01 14.85 -19.09
C SER A 992 15.72 13.99 -17.87
N SER A 993 16.35 14.32 -16.73
CA SER A 993 16.07 13.59 -15.51
C SER A 993 14.59 13.67 -15.14
N PHE A 994 13.94 14.79 -15.47
CA PHE A 994 12.53 14.95 -15.14
C PHE A 994 11.63 14.13 -16.07
N ALA A 995 12.06 13.88 -17.30
CA ALA A 995 11.17 13.29 -18.29
C ALA A 995 10.46 12.03 -17.81
N PRO A 996 11.14 11.02 -17.26
CA PRO A 996 10.40 9.82 -16.82
C PRO A 996 9.37 10.12 -15.74
N ASP A 997 9.67 11.06 -14.85
CA ASP A 997 8.71 11.42 -13.81
C ASP A 997 7.43 11.94 -14.42
N TYR A 998 7.54 12.85 -15.39
CA TYR A 998 6.34 13.35 -16.07
C TYR A 998 5.63 12.22 -16.78
N ALA A 999 6.39 11.33 -17.43
CA ALA A 999 5.77 10.20 -18.11
C ALA A 999 4.88 9.41 -17.16
N LYS A 1000 5.41 9.00 -16.01
CA LYS A 1000 4.62 8.21 -15.07
C LYS A 1000 3.46 9.02 -14.50
N ALA A 1001 3.72 10.29 -14.17
CA ALA A 1001 2.70 11.08 -13.49
C ALA A 1001 1.52 11.38 -14.40
N LYS A 1002 1.74 11.51 -15.70
CA LYS A 1002 0.60 11.73 -16.59
C LYS A 1002 -0.45 10.65 -16.39
N ILE A 1003 -0.03 9.39 -16.47
CA ILE A 1003 -0.98 8.28 -16.37
C ILE A 1003 -1.50 8.15 -14.95
N SER A 1004 -0.63 8.33 -13.95
CA SER A 1004 -1.10 8.25 -12.57
C SER A 1004 -2.22 9.25 -12.33
N ALA A 1005 -2.01 10.50 -12.74
CA ALA A 1005 -3.07 11.49 -12.62
C ALA A 1005 -4.30 11.03 -13.37
N ALA A 1006 -4.16 10.72 -14.66
CA ALA A 1006 -5.31 10.28 -15.46
C ALA A 1006 -6.18 9.30 -14.67
N HIS A 1007 -5.55 8.31 -14.04
CA HIS A 1007 -6.31 7.34 -13.27
C HIS A 1007 -6.93 7.96 -12.03
N ILE A 1008 -6.21 8.85 -11.35
CA ILE A 1008 -6.79 9.49 -10.16
C ILE A 1008 -8.03 10.29 -10.54
N ILE A 1009 -7.94 11.06 -11.62
CA ILE A 1009 -9.08 11.84 -12.09
C ILE A 1009 -10.23 10.92 -12.47
N MET A 1010 -9.94 9.83 -13.17
CA MET A 1010 -10.99 8.89 -13.53
C MET A 1010 -11.71 8.40 -12.28
N ILE A 1011 -10.96 8.02 -11.26
CA ILE A 1011 -11.57 7.49 -10.04
C ILE A 1011 -12.41 8.55 -9.36
N ILE A 1012 -11.84 9.75 -9.18
CA ILE A 1012 -12.55 10.77 -8.42
C ILE A 1012 -13.81 11.21 -9.14
N GLU A 1013 -13.79 11.26 -10.47
CA GLU A 1013 -14.97 11.65 -11.22
C GLU A 1013 -16.04 10.57 -11.25
N LYS A 1014 -15.70 9.34 -10.91
CA LYS A 1014 -16.66 8.25 -10.99
C LYS A 1014 -17.78 8.45 -9.97
N THR A 1015 -18.98 7.99 -10.32
CA THR A 1015 -20.14 8.10 -9.45
C THR A 1015 -21.11 6.95 -9.71
N PRO A 1016 -21.40 6.10 -8.70
CA PRO A 1016 -22.19 4.89 -8.97
C PRO A 1016 -23.66 5.18 -9.23
N LEU A 1017 -24.43 4.11 -9.45
CA LEU A 1017 -25.87 4.24 -9.58
C LEU A 1017 -26.49 4.77 -8.29
N ILE A 1018 -26.02 4.28 -7.15
CA ILE A 1018 -26.49 4.70 -5.84
C ILE A 1018 -25.33 5.34 -5.10
N ASP A 1019 -25.54 6.54 -4.58
CA ASP A 1019 -24.51 7.31 -3.89
C ASP A 1019 -24.89 7.42 -2.42
N SER A 1020 -24.00 6.96 -1.54
CA SER A 1020 -24.26 7.08 -0.11
C SER A 1020 -24.35 8.54 0.31
N TYR A 1021 -23.45 9.38 -0.20
CA TYR A 1021 -23.45 10.77 0.19
C TYR A 1021 -24.65 11.53 -0.36
N SER A 1022 -25.21 11.09 -1.48
CA SER A 1022 -26.35 11.78 -2.08
C SER A 1022 -27.45 11.97 -1.06
N THR A 1023 -27.76 13.24 -0.77
CA THR A 1023 -28.75 13.58 0.23
C THR A 1023 -30.15 13.77 -0.35
N GLU A 1024 -30.32 13.60 -1.65
CA GLU A 1024 -31.63 13.73 -2.26
C GLU A 1024 -32.43 12.44 -2.08
N GLY A 1025 -33.71 12.51 -2.46
CA GLY A 1025 -34.61 11.37 -2.41
C GLY A 1025 -35.76 11.62 -1.45
N LEU A 1026 -36.21 10.55 -0.79
CA LEU A 1026 -37.30 10.62 0.18
C LEU A 1026 -36.75 10.29 1.56
N MET A 1027 -37.15 11.07 2.57
CA MET A 1027 -36.71 10.88 3.94
C MET A 1027 -37.93 10.96 4.86
N PRO A 1028 -38.67 9.86 4.99
CA PRO A 1028 -39.86 9.88 5.85
C PRO A 1028 -39.48 10.06 7.31
N ASN A 1029 -40.32 10.82 8.03
CA ASN A 1029 -40.02 11.14 9.42
C ASN A 1029 -40.01 9.88 10.29
N THR A 1030 -41.07 9.09 10.22
CA THR A 1030 -41.21 7.89 11.03
C THR A 1030 -41.66 6.73 10.16
N LEU A 1031 -41.05 5.57 10.37
CA LEU A 1031 -41.35 4.37 9.60
C LEU A 1031 -41.98 3.34 10.51
N GLU A 1032 -43.15 2.84 10.11
CA GLU A 1032 -43.81 1.80 10.89
C GLU A 1032 -42.94 0.55 10.96
N GLY A 1033 -42.29 0.20 9.86
CA GLY A 1033 -41.39 -0.94 9.83
C GLY A 1033 -42.02 -2.18 9.24
N ASN A 1034 -42.72 -2.04 8.12
CA ASN A 1034 -43.29 -3.16 7.40
C ASN A 1034 -42.57 -3.30 6.08
N VAL A 1035 -41.93 -4.45 5.86
CA VAL A 1035 -41.08 -4.68 4.69
C VAL A 1035 -41.81 -5.62 3.75
N THR A 1036 -42.01 -5.18 2.52
CA THR A 1036 -42.71 -5.96 1.50
C THR A 1036 -41.79 -6.17 0.31
N PHE A 1037 -41.83 -7.37 -0.26
CA PHE A 1037 -41.04 -7.71 -1.42
C PHE A 1037 -41.91 -8.44 -2.43
N GLY A 1038 -41.84 -8.02 -3.70
CA GLY A 1038 -42.62 -8.65 -4.74
C GLY A 1038 -41.87 -8.77 -6.04
N GLU A 1039 -41.91 -9.96 -6.64
CA GLU A 1039 -41.26 -10.22 -7.92
C GLU A 1039 -39.78 -9.88 -7.86
N VAL A 1040 -39.14 -10.16 -6.73
CA VAL A 1040 -37.74 -9.84 -6.54
C VAL A 1040 -36.93 -10.80 -7.42
N VAL A 1041 -36.37 -10.29 -8.51
CA VAL A 1041 -35.53 -11.07 -9.42
C VAL A 1041 -34.16 -10.41 -9.41
N PHE A 1042 -33.13 -11.18 -9.06
CA PHE A 1042 -31.80 -10.62 -8.93
C PHE A 1042 -30.76 -11.69 -9.24
N ASN A 1043 -29.64 -11.24 -9.81
CA ASN A 1043 -28.47 -12.08 -10.01
C ASN A 1043 -27.24 -11.23 -9.72
N TYR A 1044 -26.25 -11.83 -9.09
CA TYR A 1044 -25.08 -11.06 -8.66
C TYR A 1044 -24.30 -10.59 -9.89
N PRO A 1045 -24.04 -9.28 -10.01
CA PRO A 1045 -23.30 -8.79 -11.19
C PRO A 1045 -21.98 -9.50 -11.41
N THR A 1046 -21.45 -10.14 -10.37
CA THR A 1046 -20.25 -10.94 -10.57
C THR A 1046 -20.50 -12.09 -11.53
N ARG A 1047 -21.67 -12.71 -11.45
CA ARG A 1047 -22.08 -13.78 -12.35
C ARG A 1047 -23.50 -13.49 -12.83
N PRO A 1048 -23.67 -12.45 -13.65
CA PRO A 1048 -25.03 -11.98 -13.96
C PRO A 1048 -25.91 -13.05 -14.57
N ASP A 1049 -25.35 -13.96 -15.37
CA ASP A 1049 -26.17 -14.97 -16.02
C ASP A 1049 -26.88 -15.83 -15.00
N ILE A 1050 -26.16 -16.27 -13.96
CA ILE A 1050 -26.72 -17.20 -12.98
C ILE A 1050 -27.80 -16.49 -12.18
N PRO A 1051 -29.05 -16.99 -12.17
CA PRO A 1051 -30.09 -16.37 -11.34
C PRO A 1051 -30.19 -17.02 -9.98
N VAL A 1052 -30.48 -16.19 -8.97
CA VAL A 1052 -30.59 -16.64 -7.59
C VAL A 1052 -31.99 -16.45 -7.04
N LEU A 1053 -32.63 -15.33 -7.34
CA LEU A 1053 -33.97 -15.04 -6.86
C LEU A 1053 -34.99 -15.29 -7.96
N GLN A 1054 -36.09 -15.96 -7.59
CA GLN A 1054 -37.13 -16.34 -8.52
C GLN A 1054 -38.39 -15.52 -8.31
N GLY A 1055 -38.22 -14.23 -8.03
CA GLY A 1055 -39.36 -13.36 -7.82
C GLY A 1055 -40.16 -13.68 -6.57
N LEU A 1056 -39.47 -14.03 -5.49
CA LEU A 1056 -40.17 -14.40 -4.26
C LEU A 1056 -40.91 -13.20 -3.69
N SER A 1057 -42.02 -13.48 -3.02
CA SER A 1057 -42.84 -12.48 -2.37
C SER A 1057 -42.77 -12.67 -0.87
N LEU A 1058 -42.52 -11.58 -0.14
CA LEU A 1058 -42.39 -11.64 1.30
C LEU A 1058 -43.04 -10.43 1.93
N GLU A 1059 -43.48 -10.57 3.18
CA GLU A 1059 -44.10 -9.48 3.90
C GLU A 1059 -43.86 -9.65 5.39
N VAL A 1060 -43.30 -8.62 6.02
CA VAL A 1060 -43.01 -8.62 7.45
C VAL A 1060 -43.65 -7.39 8.06
N LYS A 1061 -44.43 -7.58 9.12
CA LYS A 1061 -45.13 -6.50 9.78
C LYS A 1061 -44.29 -5.98 10.95
N LYS A 1062 -44.79 -4.92 11.59
CA LYS A 1062 -44.09 -4.35 12.73
C LYS A 1062 -44.09 -5.32 13.89
N GLY A 1063 -42.95 -5.43 14.55
CA GLY A 1063 -42.85 -6.29 15.73
C GLY A 1063 -43.15 -7.74 15.45
N GLN A 1064 -42.69 -8.25 14.30
CA GLN A 1064 -42.87 -9.64 13.92
C GLN A 1064 -41.51 -10.19 13.50
N THR A 1065 -41.01 -11.17 14.25
CA THR A 1065 -39.67 -11.72 14.00
C THR A 1065 -39.75 -12.78 12.90
N LEU A 1066 -39.94 -12.32 11.68
CA LEU A 1066 -39.95 -13.23 10.54
C LEU A 1066 -38.60 -13.90 10.40
N ALA A 1067 -38.60 -15.09 9.80
CA ALA A 1067 -37.36 -15.83 9.60
C ALA A 1067 -37.48 -16.64 8.32
N LEU A 1068 -36.32 -17.02 7.79
CA LEU A 1068 -36.27 -17.83 6.57
C LEU A 1068 -35.20 -18.90 6.73
N VAL A 1069 -35.49 -20.08 6.19
CA VAL A 1069 -34.56 -21.21 6.22
C VAL A 1069 -34.65 -21.95 4.90
N GLY A 1070 -33.61 -22.73 4.62
CA GLY A 1070 -33.58 -23.49 3.40
C GLY A 1070 -32.20 -24.09 3.16
N SER A 1071 -32.03 -24.67 1.98
CA SER A 1071 -30.76 -25.28 1.63
C SER A 1071 -29.66 -24.23 1.63
N SER A 1072 -28.46 -24.66 2.03
CA SER A 1072 -27.35 -23.73 2.16
C SER A 1072 -27.08 -23.04 0.83
N GLY A 1073 -26.75 -21.75 0.91
CA GLY A 1073 -26.45 -20.99 -0.29
C GLY A 1073 -27.62 -20.91 -1.25
N CYS A 1074 -28.82 -20.70 -0.73
CA CYS A 1074 -30.02 -20.56 -1.56
C CYS A 1074 -30.49 -19.11 -1.63
N GLY A 1075 -29.60 -18.15 -1.42
CA GLY A 1075 -29.94 -16.75 -1.52
C GLY A 1075 -30.42 -16.10 -0.25
N LYS A 1076 -30.27 -16.76 0.91
CA LYS A 1076 -30.73 -16.17 2.15
C LYS A 1076 -30.06 -14.83 2.41
N SER A 1077 -28.73 -14.80 2.38
CA SER A 1077 -28.03 -13.54 2.58
C SER A 1077 -28.36 -12.55 1.48
N THR A 1078 -28.69 -13.04 0.29
CA THR A 1078 -29.00 -12.13 -0.82
C THR A 1078 -30.23 -11.30 -0.52
N VAL A 1079 -31.23 -11.90 0.13
CA VAL A 1079 -32.46 -11.16 0.43
C VAL A 1079 -32.15 -9.96 1.32
N VAL A 1080 -31.41 -10.19 2.40
CA VAL A 1080 -31.07 -9.10 3.30
C VAL A 1080 -30.20 -8.08 2.58
N GLN A 1081 -29.23 -8.55 1.78
CA GLN A 1081 -28.34 -7.62 1.09
C GLN A 1081 -29.13 -6.71 0.16
N LEU A 1082 -30.10 -7.26 -0.55
CA LEU A 1082 -31.01 -6.42 -1.33
C LEU A 1082 -31.75 -5.47 -0.42
N LEU A 1083 -32.17 -5.94 0.75
CA LEU A 1083 -32.81 -5.05 1.72
C LEU A 1083 -31.88 -3.91 2.12
N GLU A 1084 -30.57 -4.14 2.10
CA GLU A 1084 -29.60 -3.12 2.44
C GLU A 1084 -29.16 -2.31 1.22
N ARG A 1085 -29.73 -2.57 0.05
CA ARG A 1085 -29.40 -1.83 -1.17
C ARG A 1085 -27.92 -1.97 -1.52
N PHE A 1086 -27.30 -3.08 -1.13
CA PHE A 1086 -25.97 -3.38 -1.66
C PHE A 1086 -26.03 -3.52 -3.17
N TYR A 1087 -27.04 -4.23 -3.67
CA TYR A 1087 -27.36 -4.27 -5.09
C TYR A 1087 -28.84 -3.98 -5.26
N ASP A 1088 -29.17 -3.16 -6.23
CA ASP A 1088 -30.58 -2.96 -6.52
C ASP A 1088 -31.13 -4.16 -7.27
N PRO A 1089 -32.38 -4.55 -7.02
CA PRO A 1089 -32.91 -5.75 -7.67
C PRO A 1089 -32.90 -5.62 -9.18
N LEU A 1090 -32.56 -6.71 -9.86
CA LEU A 1090 -32.58 -6.69 -11.32
C LEU A 1090 -33.98 -6.43 -11.84
N ALA A 1091 -34.98 -7.07 -11.24
CA ALA A 1091 -36.38 -6.85 -11.60
C ALA A 1091 -37.24 -7.16 -10.39
N GLY A 1092 -38.22 -6.30 -10.15
CA GLY A 1092 -39.14 -6.46 -9.04
C GLY A 1092 -39.31 -5.16 -8.28
N LYS A 1093 -39.98 -5.25 -7.14
CA LYS A 1093 -40.24 -4.07 -6.31
C LYS A 1093 -40.17 -4.48 -4.85
N VAL A 1094 -39.26 -3.87 -4.10
CA VAL A 1094 -39.17 -4.04 -2.65
C VAL A 1094 -39.48 -2.70 -2.01
N LEU A 1095 -40.50 -2.67 -1.14
CA LEU A 1095 -40.98 -1.46 -0.52
C LEU A 1095 -40.47 -1.37 0.91
N LEU A 1096 -40.97 -0.38 1.64
CA LEU A 1096 -40.71 -0.26 3.07
C LEU A 1096 -41.85 0.57 3.65
N ASP A 1097 -42.67 -0.04 4.49
CA ASP A 1097 -43.85 0.64 5.02
C ASP A 1097 -44.71 1.16 3.88
N GLY A 1098 -44.84 0.38 2.81
CA GLY A 1098 -45.62 0.78 1.67
C GLY A 1098 -44.97 1.82 0.79
N LYS A 1099 -43.65 1.99 0.88
CA LYS A 1099 -42.92 2.93 0.06
C LYS A 1099 -41.79 2.20 -0.66
N GLU A 1100 -41.69 2.41 -1.97
CA GLU A 1100 -40.61 1.79 -2.73
C GLU A 1100 -39.27 2.20 -2.16
N ILE A 1101 -38.37 1.23 -2.02
CA ILE A 1101 -37.10 1.48 -1.35
C ILE A 1101 -36.32 2.54 -2.11
N LYS A 1102 -36.33 2.49 -3.44
CA LYS A 1102 -35.53 3.43 -4.23
C LYS A 1102 -35.90 4.86 -3.89
N ARG A 1103 -37.21 5.14 -3.81
CA ARG A 1103 -37.64 6.51 -3.50
C ARG A 1103 -37.08 6.98 -2.17
N LEU A 1104 -36.91 6.07 -1.22
CA LEU A 1104 -36.37 6.45 0.09
C LEU A 1104 -34.89 6.73 -0.02
N ASN A 1105 -34.43 7.75 0.71
CA ASN A 1105 -33.02 8.08 0.73
C ASN A 1105 -32.22 6.89 1.24
N VAL A 1106 -31.13 6.56 0.54
CA VAL A 1106 -30.34 5.38 0.89
C VAL A 1106 -29.79 5.51 2.31
N GLN A 1107 -29.25 6.68 2.65
CA GLN A 1107 -28.65 6.84 3.96
C GLN A 1107 -29.67 6.66 5.08
N TRP A 1108 -30.87 7.20 4.89
CA TRP A 1108 -31.90 7.07 5.91
C TRP A 1108 -32.17 5.60 6.25
N LEU A 1109 -32.43 4.79 5.22
CA LEU A 1109 -32.68 3.38 5.45
C LEU A 1109 -31.46 2.69 6.05
N ARG A 1110 -30.29 2.92 5.45
CA ARG A 1110 -29.09 2.27 5.95
C ARG A 1110 -28.82 2.62 7.41
N ALA A 1111 -29.36 3.74 7.88
CA ALA A 1111 -29.25 4.07 9.29
C ALA A 1111 -30.32 3.37 10.11
N HIS A 1112 -31.56 3.35 9.61
CA HIS A 1112 -32.62 2.69 10.36
C HIS A 1112 -32.39 1.20 10.46
N LEU A 1113 -32.06 0.56 9.33
CA LEU A 1113 -31.91 -0.89 9.33
C LEU A 1113 -30.65 -1.29 10.09
N GLY A 1114 -30.64 -2.54 10.54
CA GLY A 1114 -29.47 -3.10 11.20
C GLY A 1114 -29.14 -4.46 10.63
N ILE A 1115 -27.85 -4.67 10.36
CA ILE A 1115 -27.36 -5.91 9.76
C ILE A 1115 -26.39 -6.55 10.73
N VAL A 1116 -26.65 -7.81 11.08
CA VAL A 1116 -25.72 -8.57 11.91
C VAL A 1116 -24.66 -9.27 11.09
N SER A 1117 -24.72 -9.18 9.76
CA SER A 1117 -23.70 -9.74 8.89
C SER A 1117 -23.50 -11.23 9.14
N GLN A 1118 -22.48 -11.81 8.52
CA GLN A 1118 -22.18 -13.22 8.64
C GLN A 1118 -20.66 -13.35 8.69
N GLU A 1119 -20.15 -14.01 9.71
CA GLU A 1119 -18.72 -14.03 10.01
C GLU A 1119 -18.19 -12.59 10.04
N PRO A 1120 -18.78 -11.73 10.86
CA PRO A 1120 -18.46 -10.30 10.76
C PRO A 1120 -17.01 -10.00 11.08
N ILE A 1121 -16.50 -8.93 10.49
CA ILE A 1121 -15.14 -8.48 10.69
C ILE A 1121 -15.18 -7.21 11.53
N LEU A 1122 -14.79 -7.31 12.79
CA LEU A 1122 -14.70 -6.14 13.66
C LEU A 1122 -13.37 -5.44 13.44
N PHE A 1123 -13.38 -4.11 13.58
CA PHE A 1123 -12.20 -3.31 13.34
C PHE A 1123 -11.19 -3.45 14.47
N ASP A 1124 -9.96 -3.05 14.18
CA ASP A 1124 -8.88 -3.13 15.17
C ASP A 1124 -8.88 -1.84 15.98
N CYS A 1125 -9.75 -1.79 16.97
CA CYS A 1125 -9.87 -0.64 17.84
C CYS A 1125 -10.30 -1.13 19.22
N SER A 1126 -10.77 -0.23 20.07
CA SER A 1126 -11.31 -0.64 21.35
C SER A 1126 -12.64 -1.33 21.15
N ILE A 1127 -12.89 -2.38 21.95
CA ILE A 1127 -14.16 -3.07 21.86
C ILE A 1127 -15.30 -2.09 22.05
N ALA A 1128 -15.20 -1.21 23.03
CA ALA A 1128 -16.19 -0.15 23.19
C ALA A 1128 -16.35 0.62 21.89
N GLU A 1129 -15.23 0.96 21.25
CA GLU A 1129 -15.31 1.68 19.99
C GLU A 1129 -16.03 0.85 18.94
N ASN A 1130 -15.73 -0.45 18.87
CA ASN A 1130 -16.39 -1.31 17.90
C ASN A 1130 -17.90 -1.28 18.08
N ILE A 1131 -18.36 -1.49 19.32
CA ILE A 1131 -19.80 -1.48 19.55
C ILE A 1131 -20.39 -0.11 19.23
N ALA A 1132 -19.71 0.95 19.67
CA ALA A 1132 -20.21 2.30 19.39
C ALA A 1132 -20.31 2.55 17.89
N TYR A 1133 -19.52 1.84 17.09
CA TYR A 1133 -19.58 2.02 15.65
C TYR A 1133 -20.98 1.73 15.11
N GLY A 1134 -21.80 1.00 15.86
CA GLY A 1134 -23.11 0.60 15.34
C GLY A 1134 -23.99 1.79 14.99
N ASP A 1135 -23.98 2.82 15.83
CA ASP A 1135 -24.83 3.99 15.65
C ASP A 1135 -23.93 5.21 15.46
N ASN A 1136 -23.64 5.54 14.20
CA ASN A 1136 -22.83 6.70 13.88
C ASN A 1136 -23.71 7.95 13.84
N SER A 1137 -23.05 9.10 13.80
CA SER A 1137 -23.63 10.44 13.82
C SER A 1137 -24.07 10.86 15.22
N ARG A 1138 -23.94 10.00 16.23
CA ARG A 1138 -24.30 10.37 17.60
C ARG A 1138 -23.40 9.62 18.55
N VAL A 1139 -22.72 10.36 19.44
CA VAL A 1139 -21.81 9.70 20.36
C VAL A 1139 -22.57 8.65 21.16
N VAL A 1140 -21.83 7.65 21.63
CA VAL A 1140 -22.38 6.54 22.38
C VAL A 1140 -21.83 6.61 23.80
N SER A 1141 -22.71 6.82 24.77
CA SER A 1141 -22.28 6.83 26.16
C SER A 1141 -21.81 5.45 26.57
N GLN A 1142 -20.79 5.41 27.43
CA GLN A 1142 -20.29 4.14 27.91
C GLN A 1142 -21.40 3.29 28.51
N GLU A 1143 -22.39 3.95 29.13
CA GLU A 1143 -23.52 3.22 29.68
C GLU A 1143 -24.27 2.46 28.60
N GLU A 1144 -24.50 3.11 27.46
CA GLU A 1144 -25.20 2.44 26.36
C GLU A 1144 -24.42 1.23 25.88
N ILE A 1145 -23.10 1.37 25.74
CA ILE A 1145 -22.29 0.26 25.24
C ILE A 1145 -22.32 -0.91 26.21
N VAL A 1146 -22.16 -0.63 27.51
CA VAL A 1146 -22.14 -1.71 28.49
C VAL A 1146 -23.52 -2.36 28.56
N ARG A 1147 -24.59 -1.56 28.43
CA ARG A 1147 -25.93 -2.13 28.43
C ARG A 1147 -26.12 -3.05 27.23
N ALA A 1148 -25.64 -2.63 26.06
CA ALA A 1148 -25.74 -3.50 24.88
C ALA A 1148 -24.95 -4.78 25.08
N ALA A 1149 -23.75 -4.67 25.65
CA ALA A 1149 -22.95 -5.87 25.89
C ALA A 1149 -23.67 -6.82 26.85
N LYS A 1150 -24.26 -6.27 27.91
CA LYS A 1150 -25.01 -7.12 28.85
C LYS A 1150 -26.20 -7.78 28.16
N GLU A 1151 -26.90 -7.03 27.31
CA GLU A 1151 -28.01 -7.62 26.57
C GLU A 1151 -27.51 -8.73 25.66
N ALA A 1152 -26.32 -8.58 25.09
CA ALA A 1152 -25.75 -9.58 24.21
C ALA A 1152 -24.97 -10.65 24.94
N ASN A 1153 -25.02 -10.66 26.28
CA ASN A 1153 -24.40 -11.71 27.07
C ASN A 1153 -22.89 -11.75 26.85
N ILE A 1154 -22.28 -10.58 26.72
CA ILE A 1154 -20.82 -10.47 26.70
C ILE A 1154 -20.30 -9.44 27.68
N HIS A 1155 -21.13 -8.52 28.18
CA HIS A 1155 -20.65 -7.50 29.10
C HIS A 1155 -19.88 -8.13 30.26
N ALA A 1156 -20.35 -9.28 30.75
CA ALA A 1156 -19.66 -9.95 31.84
C ALA A 1156 -18.22 -10.26 31.46
N PHE A 1157 -18.03 -10.94 30.33
CA PHE A 1157 -16.68 -11.24 29.89
C PHE A 1157 -15.92 -9.96 29.56
N ILE A 1158 -16.56 -9.02 28.86
CA ILE A 1158 -15.88 -7.81 28.45
C ILE A 1158 -15.24 -7.12 29.65
N GLU A 1159 -16.01 -7.01 30.74
CA GLU A 1159 -15.44 -6.51 31.98
C GLU A 1159 -14.39 -7.47 32.53
N SER A 1160 -14.57 -8.77 32.30
CA SER A 1160 -13.68 -9.76 32.91
C SER A 1160 -12.24 -9.54 32.49
N LEU A 1161 -11.99 -9.30 31.20
CA LEU A 1161 -10.64 -9.23 30.72
C LEU A 1161 -9.93 -7.98 31.24
N PRO A 1162 -8.60 -8.00 31.34
CA PRO A 1162 -7.88 -6.80 31.79
C PRO A 1162 -8.05 -5.66 30.80
N ASN A 1163 -8.05 -4.44 31.33
CA ASN A 1163 -8.33 -3.22 30.60
C ASN A 1163 -9.81 -3.09 30.27
N LYS A 1164 -10.64 -4.06 30.65
CA LYS A 1164 -12.08 -4.00 30.43
C LYS A 1164 -12.39 -3.72 28.97
N TYR A 1165 -12.93 -2.54 28.65
CA TYR A 1165 -13.28 -2.19 27.29
C TYR A 1165 -12.12 -1.54 26.55
N SER A 1166 -10.97 -1.34 27.21
CA SER A 1166 -9.81 -0.81 26.52
C SER A 1166 -9.12 -1.86 25.65
N THR A 1167 -9.54 -3.12 25.73
CA THR A 1167 -8.89 -4.16 24.96
C THR A 1167 -9.00 -3.87 23.47
N LYS A 1168 -7.90 -4.06 22.76
CA LYS A 1168 -7.82 -3.77 21.33
C LYS A 1168 -8.05 -5.08 20.58
N VAL A 1169 -9.23 -5.22 19.99
CA VAL A 1169 -9.51 -6.38 19.15
C VAL A 1169 -8.55 -6.38 17.98
N GLY A 1170 -8.00 -7.54 17.67
CA GLY A 1170 -7.01 -7.63 16.61
C GLY A 1170 -7.55 -7.15 15.28
N ASP A 1171 -6.69 -7.10 14.26
CA ASP A 1171 -7.15 -6.68 12.94
C ASP A 1171 -8.29 -7.58 12.47
N LYS A 1172 -9.34 -6.95 11.93
CA LYS A 1172 -10.51 -7.66 11.43
C LYS A 1172 -11.09 -8.59 12.50
N GLY A 1173 -11.00 -8.17 13.76
CA GLY A 1173 -11.51 -8.99 14.84
C GLY A 1173 -10.87 -10.34 14.94
N THR A 1174 -9.65 -10.50 14.40
CA THR A 1174 -9.02 -11.81 14.38
C THR A 1174 -8.57 -12.25 15.77
N GLN A 1175 -8.43 -11.33 16.72
CA GLN A 1175 -7.91 -11.71 18.04
C GLN A 1175 -8.98 -12.40 18.87
N LEU A 1176 -10.12 -11.74 19.09
CA LEU A 1176 -11.19 -12.34 19.88
C LEU A 1176 -11.73 -13.57 19.17
N SER A 1177 -12.15 -14.56 19.97
CA SER A 1177 -12.66 -15.81 19.41
C SER A 1177 -13.88 -15.55 18.54
N GLY A 1178 -14.27 -16.57 17.78
CA GLY A 1178 -15.41 -16.43 16.89
C GLY A 1178 -16.69 -16.07 17.61
N GLY A 1179 -16.97 -16.76 18.72
CA GLY A 1179 -18.17 -16.46 19.48
C GLY A 1179 -18.14 -15.07 20.09
N GLN A 1180 -16.98 -14.66 20.59
CA GLN A 1180 -16.87 -13.34 21.20
C GLN A 1180 -17.15 -12.25 20.17
N LYS A 1181 -16.55 -12.36 18.98
CA LYS A 1181 -16.80 -11.36 17.97
C LYS A 1181 -18.23 -11.44 17.45
N GLN A 1182 -18.81 -12.64 17.41
CA GLN A 1182 -20.21 -12.75 17.03
C GLN A 1182 -21.09 -11.97 18.01
N ARG A 1183 -20.85 -12.15 19.30
CA ARG A 1183 -21.64 -11.44 20.30
C ARG A 1183 -21.37 -9.93 20.22
N ILE A 1184 -20.13 -9.54 19.95
CA ILE A 1184 -19.82 -8.12 19.83
C ILE A 1184 -20.57 -7.51 18.66
N ALA A 1185 -20.61 -8.21 17.53
CA ALA A 1185 -21.38 -7.72 16.38
C ALA A 1185 -22.86 -7.66 16.72
N ILE A 1186 -23.35 -8.65 17.46
CA ILE A 1186 -24.75 -8.62 17.90
C ILE A 1186 -25.00 -7.36 18.72
N ALA A 1187 -24.12 -7.06 19.65
CA ALA A 1187 -24.29 -5.86 20.47
C ALA A 1187 -24.24 -4.62 19.60
N ARG A 1188 -23.31 -4.57 18.66
CA ARG A 1188 -23.21 -3.42 17.77
C ARG A 1188 -24.53 -3.19 17.05
N ALA A 1189 -25.06 -4.24 16.42
CA ALA A 1189 -26.34 -4.10 15.74
C ALA A 1189 -27.46 -3.75 16.71
N LEU A 1190 -27.31 -4.13 17.98
CA LEU A 1190 -28.35 -3.83 18.97
C LEU A 1190 -28.31 -2.38 19.42
N VAL A 1191 -27.13 -1.75 19.41
CA VAL A 1191 -27.00 -0.40 19.94
C VAL A 1191 -27.93 0.55 19.20
N ARG A 1192 -28.04 0.39 17.88
CA ARG A 1192 -28.91 1.27 17.11
C ARG A 1192 -30.34 1.22 17.61
N GLN A 1193 -30.76 0.12 18.24
CA GLN A 1193 -32.15 -0.12 18.57
C GLN A 1193 -33.01 0.08 17.32
N PRO A 1194 -32.67 -0.56 16.21
CA PRO A 1194 -33.30 -0.25 14.93
C PRO A 1194 -34.75 -0.69 14.88
N HIS A 1195 -35.53 0.01 14.05
CA HIS A 1195 -36.88 -0.43 13.76
C HIS A 1195 -36.87 -1.74 12.97
N ILE A 1196 -35.87 -1.92 12.11
CA ILE A 1196 -35.70 -3.15 11.34
C ILE A 1196 -34.36 -3.76 11.75
N LEU A 1197 -34.40 -5.01 12.21
CA LEU A 1197 -33.22 -5.73 12.66
C LEU A 1197 -33.02 -6.95 11.77
N LEU A 1198 -32.01 -6.91 10.93
CA LEU A 1198 -31.68 -8.02 10.04
C LEU A 1198 -30.49 -8.76 10.63
N LEU A 1199 -30.70 -10.03 10.97
CA LEU A 1199 -29.68 -10.88 11.55
C LEU A 1199 -29.40 -12.02 10.58
N ASP A 1200 -28.14 -12.19 10.20
CA ASP A 1200 -27.72 -13.21 9.24
C ASP A 1200 -26.86 -14.22 9.99
N GLU A 1201 -27.51 -15.26 10.51
CA GLU A 1201 -26.81 -16.29 11.29
C GLU A 1201 -26.09 -15.66 12.48
N ALA A 1202 -26.86 -14.91 13.28
CA ALA A 1202 -26.28 -14.22 14.42
C ALA A 1202 -25.68 -15.20 15.42
N THR A 1203 -26.19 -16.43 15.47
CA THR A 1203 -25.69 -17.46 16.38
C THR A 1203 -24.78 -18.44 15.67
N SER A 1204 -23.95 -17.95 14.75
CA SER A 1204 -23.13 -18.85 13.94
C SER A 1204 -22.26 -19.74 14.83
N ALA A 1205 -21.62 -19.16 15.83
CA ALA A 1205 -20.72 -19.91 16.71
C ALA A 1205 -20.99 -19.48 18.15
N LEU A 1206 -21.89 -20.18 18.82
CA LEU A 1206 -22.24 -19.88 20.19
C LEU A 1206 -22.68 -21.15 20.90
N ASP A 1207 -22.33 -21.26 22.18
CA ASP A 1207 -22.82 -22.35 23.00
C ASP A 1207 -24.34 -22.24 23.15
N THR A 1208 -24.99 -23.40 23.22
CA THR A 1208 -26.46 -23.40 23.28
C THR A 1208 -26.96 -22.56 24.44
N GLU A 1209 -26.21 -22.49 25.54
CA GLU A 1209 -26.60 -21.62 26.66
C GLU A 1209 -26.57 -20.15 26.24
N SER A 1210 -25.46 -19.72 25.63
CA SER A 1210 -25.37 -18.35 25.18
C SER A 1210 -26.39 -18.07 24.09
N GLU A 1211 -26.62 -19.04 23.20
CA GLU A 1211 -27.64 -18.87 22.17
C GLU A 1211 -29.00 -18.68 22.80
N LYS A 1212 -29.32 -19.47 23.82
CA LYS A 1212 -30.61 -19.31 24.51
C LYS A 1212 -30.70 -17.94 25.17
N VAL A 1213 -29.61 -17.49 25.80
CA VAL A 1213 -29.63 -16.19 26.47
C VAL A 1213 -29.92 -15.08 25.47
N VAL A 1214 -29.21 -15.09 24.34
CA VAL A 1214 -29.38 -14.03 23.36
C VAL A 1214 -30.76 -14.12 22.71
N GLN A 1215 -31.24 -15.34 22.46
CA GLN A 1215 -32.57 -15.49 21.89
C GLN A 1215 -33.63 -14.95 22.84
N GLU A 1216 -33.50 -15.22 24.14
CA GLU A 1216 -34.43 -14.67 25.11
C GLU A 1216 -34.35 -13.15 25.13
N ALA A 1217 -33.14 -12.60 25.07
CA ALA A 1217 -33.00 -11.15 25.07
C ALA A 1217 -33.69 -10.55 23.85
N LEU A 1218 -33.51 -11.17 22.68
CA LEU A 1218 -34.18 -10.67 21.48
C LEU A 1218 -35.69 -10.79 21.60
N ASP A 1219 -36.17 -11.91 22.14
CA ASP A 1219 -37.61 -12.12 22.27
C ASP A 1219 -38.23 -11.08 23.19
N LYS A 1220 -37.57 -10.79 24.32
CA LYS A 1220 -38.10 -9.78 25.22
C LYS A 1220 -38.29 -8.45 24.51
N ALA A 1221 -37.32 -8.06 23.69
CA ALA A 1221 -37.42 -6.85 22.88
C ALA A 1221 -38.00 -7.11 21.50
N ARG A 1222 -38.41 -8.35 21.20
CA ARG A 1222 -38.89 -8.67 19.87
C ARG A 1222 -40.01 -7.72 19.44
N GLU A 1223 -41.04 -7.58 20.27
CA GLU A 1223 -42.14 -6.71 19.94
C GLU A 1223 -41.67 -5.27 19.77
N GLY A 1224 -42.23 -4.57 18.79
CA GLY A 1224 -41.91 -3.19 18.54
C GLY A 1224 -40.74 -2.96 17.61
N ARG A 1225 -39.91 -3.98 17.37
CA ARG A 1225 -38.76 -3.88 16.49
C ARG A 1225 -38.85 -5.00 15.46
N THR A 1226 -39.38 -4.69 14.29
CA THR A 1226 -39.51 -5.70 13.25
C THR A 1226 -38.16 -6.33 12.98
N CYS A 1227 -38.14 -7.66 12.89
CA CYS A 1227 -36.89 -8.39 12.78
C CYS A 1227 -37.00 -9.48 11.72
N ILE A 1228 -35.91 -9.68 10.99
CA ILE A 1228 -35.75 -10.80 10.06
C ILE A 1228 -34.48 -11.53 10.43
N VAL A 1229 -34.61 -12.79 10.81
CA VAL A 1229 -33.49 -13.59 11.31
C VAL A 1229 -33.32 -14.80 10.41
N ILE A 1230 -32.08 -15.02 9.96
CA ILE A 1230 -31.72 -16.16 9.14
C ILE A 1230 -30.70 -16.98 9.91
N ALA A 1231 -30.97 -18.28 10.03
CA ALA A 1231 -30.09 -19.16 10.77
C ALA A 1231 -30.41 -20.60 10.38
N HIS A 1232 -29.40 -21.46 10.50
CA HIS A 1232 -29.54 -22.88 10.15
C HIS A 1232 -29.81 -23.74 11.37
N ARG A 1233 -30.07 -23.14 12.52
CA ARG A 1233 -30.40 -23.87 13.74
C ARG A 1233 -31.86 -23.63 14.08
N LEU A 1234 -32.65 -24.70 14.15
CA LEU A 1234 -34.07 -24.55 14.44
C LEU A 1234 -34.29 -23.96 15.82
N SER A 1235 -33.36 -24.17 16.74
CA SER A 1235 -33.55 -23.71 18.11
C SER A 1235 -33.75 -22.20 18.15
N THR A 1236 -32.95 -21.46 17.40
CA THR A 1236 -33.06 -20.01 17.37
C THR A 1236 -34.28 -19.53 16.57
N ILE A 1237 -34.98 -20.42 15.88
CA ILE A 1237 -36.11 -20.07 15.05
C ILE A 1237 -37.38 -20.82 15.43
N GLN A 1238 -37.35 -21.62 16.49
CA GLN A 1238 -38.53 -22.38 16.86
C GLN A 1238 -39.70 -21.46 17.17
N ASN A 1239 -39.46 -20.41 17.94
CA ASN A 1239 -40.50 -19.44 18.29
C ASN A 1239 -40.62 -18.32 17.27
N ALA A 1240 -40.11 -18.53 16.05
CA ALA A 1240 -40.14 -17.48 15.05
C ALA A 1240 -41.58 -17.11 14.69
N ASP A 1241 -41.79 -15.82 14.39
CA ASP A 1241 -43.13 -15.36 14.07
C ASP A 1241 -43.66 -16.05 12.82
N LEU A 1242 -42.83 -16.16 11.78
CA LEU A 1242 -43.23 -16.81 10.55
C LEU A 1242 -41.99 -17.29 9.83
N ILE A 1243 -41.91 -18.59 9.58
CA ILE A 1243 -40.76 -19.21 8.92
C ILE A 1243 -41.08 -19.41 7.46
N VAL A 1244 -40.16 -19.01 6.59
CA VAL A 1244 -40.32 -19.13 5.15
C VAL A 1244 -39.26 -20.09 4.63
N VAL A 1245 -39.71 -21.13 3.94
CA VAL A 1245 -38.81 -22.13 3.37
C VAL A 1245 -38.45 -21.69 1.95
N PHE A 1246 -37.15 -21.50 1.71
CA PHE A 1246 -36.67 -21.07 0.41
C PHE A 1246 -36.15 -22.26 -0.37
N GLN A 1247 -36.59 -22.39 -1.62
CA GLN A 1247 -36.15 -23.47 -2.50
C GLN A 1247 -36.09 -22.91 -3.91
N ASN A 1248 -34.93 -23.03 -4.55
CA ASN A 1248 -34.73 -22.51 -5.90
C ASN A 1248 -35.04 -21.02 -5.98
N GLY A 1249 -34.86 -20.31 -4.87
CA GLY A 1249 -35.13 -18.90 -4.82
C GLY A 1249 -36.58 -18.52 -4.64
N ARG A 1250 -37.48 -19.48 -4.47
CA ARG A 1250 -38.90 -19.20 -4.29
C ARG A 1250 -39.35 -19.70 -2.92
N VAL A 1251 -40.44 -19.14 -2.42
CA VAL A 1251 -40.97 -19.54 -1.13
C VAL A 1251 -41.76 -20.82 -1.31
N LYS A 1252 -41.08 -21.97 -1.14
CA LYS A 1252 -41.74 -23.25 -1.35
C LYS A 1252 -42.78 -23.51 -0.27
N GLU A 1253 -42.40 -23.34 1.00
CA GLU A 1253 -43.31 -23.53 2.11
C GLU A 1253 -43.15 -22.39 3.09
N HIS A 1254 -44.26 -21.80 3.50
CA HIS A 1254 -44.25 -20.68 4.43
C HIS A 1254 -45.30 -20.93 5.50
N GLY A 1255 -44.96 -20.63 6.74
CA GLY A 1255 -45.88 -20.79 7.84
C GLY A 1255 -45.17 -20.80 9.17
N THR A 1256 -45.98 -20.82 10.23
CA THR A 1256 -45.46 -20.81 11.58
C THR A 1256 -44.86 -22.17 11.93
N HIS A 1257 -44.25 -22.23 13.13
CA HIS A 1257 -43.62 -23.47 13.56
C HIS A 1257 -44.64 -24.60 13.69
N GLN A 1258 -45.79 -24.32 14.31
CA GLN A 1258 -46.80 -25.34 14.48
C GLN A 1258 -47.34 -25.82 13.13
N GLN A 1259 -47.63 -24.89 12.23
CA GLN A 1259 -48.16 -25.25 10.92
C GLN A 1259 -47.13 -26.06 10.13
N LEU A 1260 -45.87 -25.60 10.12
CA LEU A 1260 -44.85 -26.31 9.37
C LEU A 1260 -44.62 -27.70 9.95
N LEU A 1261 -44.63 -27.83 11.27
CA LEU A 1261 -44.49 -29.14 11.89
C LEU A 1261 -45.66 -30.04 11.54
N ALA A 1262 -46.87 -29.49 11.52
CA ALA A 1262 -48.04 -30.29 11.17
C ALA A 1262 -47.91 -30.85 9.75
N GLN A 1263 -47.48 -30.02 8.80
CA GLN A 1263 -47.13 -30.52 7.49
C GLN A 1263 -45.83 -31.32 7.57
N LYS A 1264 -45.64 -32.21 6.60
CA LYS A 1264 -44.46 -33.06 6.58
C LYS A 1264 -43.60 -32.75 5.37
N GLY A 1265 -43.41 -31.46 5.10
CA GLY A 1265 -42.63 -31.00 3.97
C GLY A 1265 -41.15 -30.92 4.25
N ILE A 1266 -40.50 -29.96 3.61
CA ILE A 1266 -39.04 -29.83 3.73
C ILE A 1266 -38.65 -29.50 5.15
N TYR A 1267 -39.38 -28.59 5.80
CA TYR A 1267 -39.02 -28.16 7.14
C TYR A 1267 -39.03 -29.34 8.11
N PHE A 1268 -40.03 -30.22 8.00
CA PHE A 1268 -40.09 -31.38 8.87
C PHE A 1268 -38.87 -32.27 8.67
N SER A 1269 -38.48 -32.50 7.42
CA SER A 1269 -37.31 -33.33 7.15
C SER A 1269 -36.05 -32.70 7.73
N MET A 1270 -35.89 -31.38 7.55
CA MET A 1270 -34.70 -30.71 8.06
C MET A 1270 -34.65 -30.75 9.58
N VAL A 1271 -35.79 -30.53 10.24
CA VAL A 1271 -35.82 -30.56 11.69
C VAL A 1271 -35.55 -31.96 12.22
N SER A 1272 -36.14 -32.97 11.58
CA SER A 1272 -35.98 -34.34 12.06
C SER A 1272 -34.52 -34.78 11.99
N VAL A 1273 -33.85 -34.46 10.89
CA VAL A 1273 -32.45 -34.84 10.72
C VAL A 1273 -31.58 -34.08 11.70
#